data_2NZW
#
_entry.id   2NZW
#
_cell.length_a   104.545
_cell.length_b   136.196
_cell.length_c   96.829
_cell.angle_alpha   90.00
_cell.angle_beta   90.00
_cell.angle_gamma   90.00
#
_symmetry.space_group_name_H-M   'P 21 21 2'
#
loop_
_entity.id
_entity.type
_entity.pdbx_description
1 polymer Alpha1,3-fucosyltransferase
2 non-polymer 'SULFATE ION'
3 water water
#
_entity_poly.entity_id   1
_entity_poly.type   'polypeptide(L)'
_entity_poly.pdbx_seq_one_letter_code
;MFQPLLDAYVESASIEKMASKSPPPLKIAVANWWGDEEIKEFKNSVLYFILSQRYTITLHQNPNEFSDLVFGNPLGSARK
ILSYQNAKRVFYTGENESPNFNLFDYAIGFDELDFNDRYLRMPLYYDRLHHKAESVNDTTAPYKLKDNSLYALKKPSHCF
KEKHPNLCAVVNDESDPLKRGFASFVASNPNAPIRNAFYDALNSIEPVTGGGSVRNTLGYNVKNKNEFLSQYKFNLCFEN
TQGYGYVTEKIIDAYFSHTIPIYWGSPSVAKDFNPKSFVNVHDFKNFDEAIDYIKYLHTHKNAYLDMLYENPLNTLDGKA
YFYQNLSFKKILAFFKTILENDTIYHDNPFIFCRDLNEPLVTILEHHHHHH
;
_entity_poly.pdbx_strand_id   A,B,C
#
# COMPACT_ATOMS: atom_id res chain seq x y z
N MET A 1 10.20 38.66 -20.82
CA MET A 1 10.57 39.28 -19.53
C MET A 1 10.66 38.15 -18.54
N PHE A 2 11.88 37.72 -18.25
CA PHE A 2 12.07 36.60 -17.36
C PHE A 2 11.94 36.96 -15.88
N GLN A 3 12.41 38.15 -15.51
CA GLN A 3 12.40 38.50 -14.10
C GLN A 3 11.08 38.20 -13.32
N PRO A 4 9.93 38.48 -13.90
CA PRO A 4 8.73 38.19 -13.12
C PRO A 4 8.43 36.67 -13.00
N LEU A 5 8.88 35.92 -14.00
CA LEU A 5 8.64 34.46 -13.96
C LEU A 5 9.53 33.91 -12.84
N LEU A 6 10.74 34.45 -12.76
CA LEU A 6 11.70 34.02 -11.76
C LEU A 6 11.22 34.38 -10.39
N ASP A 7 10.57 35.55 -10.25
CA ASP A 7 10.05 35.99 -8.97
C ASP A 7 8.96 35.02 -8.53
N ALA A 8 8.05 34.72 -9.44
CA ALA A 8 6.99 33.77 -9.11
C ALA A 8 7.62 32.42 -8.72
N TYR A 9 8.61 31.99 -9.48
CA TYR A 9 9.24 30.70 -9.19
C TYR A 9 9.80 30.69 -7.78
N VAL A 10 10.60 31.72 -7.43
CA VAL A 10 11.20 31.82 -6.11
C VAL A 10 10.13 31.80 -5.02
N GLU A 11 8.99 32.44 -5.26
CA GLU A 11 7.97 32.42 -4.22
C GLU A 11 7.38 30.97 -4.07
N SER A 12 7.25 30.29 -5.19
CA SER A 12 6.67 28.92 -5.18
C SER A 12 7.63 27.95 -4.47
N ALA A 13 8.86 28.40 -4.21
CA ALA A 13 9.88 27.60 -3.58
C ALA A 13 9.95 27.96 -2.11
N SER A 14 9.04 28.80 -1.67
CA SER A 14 9.03 29.23 -0.28
C SER A 14 8.38 28.17 0.62
N ILE A 15 9.12 27.67 1.61
CA ILE A 15 8.59 26.71 2.59
C ILE A 15 9.26 27.04 3.95
N GLU A 16 8.68 26.56 5.04
CA GLU A 16 9.25 26.81 6.36
C GLU A 16 10.66 26.20 6.42
N LYS A 17 11.59 26.84 7.11
CA LYS A 17 12.95 26.28 7.21
C LYS A 17 12.85 25.20 8.30
N MET A 18 13.36 24.01 7.99
CA MET A 18 13.27 22.92 8.94
C MET A 18 14.18 23.22 10.13
N ALA A 19 13.78 22.83 11.33
CA ALA A 19 14.63 23.14 12.48
C ALA A 19 15.78 22.18 12.87
N SER A 20 17.03 22.69 12.93
CA SER A 20 18.22 22.01 13.50
C SER A 20 18.82 20.65 13.10
N LYS A 21 18.66 20.42 11.78
CA LYS A 21 19.22 19.29 11.08
C LYS A 21 18.94 17.94 11.63
N SER A 22 17.67 17.61 11.58
CA SER A 22 17.26 16.32 12.04
C SER A 22 16.42 15.70 10.89
N PRO A 23 16.80 15.91 9.60
CA PRO A 23 16.01 15.34 8.50
C PRO A 23 16.03 13.84 8.43
N PRO A 24 14.87 13.21 8.64
CA PRO A 24 14.74 11.74 8.60
C PRO A 24 15.21 11.13 7.30
N PRO A 25 15.83 9.95 7.40
CA PRO A 25 16.36 9.25 6.23
C PRO A 25 15.30 8.88 5.19
N LEU A 26 15.67 9.00 3.93
CA LEU A 26 14.79 8.64 2.83
C LEU A 26 15.71 7.89 1.86
N LYS A 27 15.41 6.61 1.65
CA LYS A 27 16.19 5.76 0.75
C LYS A 27 15.50 5.59 -0.56
N ILE A 28 16.13 6.02 -1.61
CA ILE A 28 15.54 5.97 -2.94
C ILE A 28 16.35 5.10 -3.89
N ALA A 29 15.68 4.12 -4.48
CA ALA A 29 16.33 3.24 -5.46
C ALA A 29 16.19 3.94 -6.81
N VAL A 30 17.28 3.98 -7.60
CA VAL A 30 17.29 4.61 -8.94
C VAL A 30 17.94 3.68 -9.97
N ALA A 31 18.02 4.11 -11.23
CA ALA A 31 18.50 3.24 -12.34
C ALA A 31 19.84 2.58 -12.04
N ASN A 32 19.90 1.26 -12.19
CA ASN A 32 21.15 0.59 -11.87
C ASN A 32 22.33 0.91 -12.78
N TRP A 33 22.03 1.28 -14.02
CA TRP A 33 23.05 1.62 -15.02
C TRP A 33 23.54 3.08 -14.91
N TRP A 34 22.84 3.91 -14.14
CA TRP A 34 23.32 5.28 -14.00
C TRP A 34 24.77 5.31 -13.55
N GLY A 35 25.54 6.18 -14.21
CA GLY A 35 26.93 6.36 -13.81
C GLY A 35 26.96 7.59 -12.92
N ASP A 36 28.16 7.94 -12.48
CA ASP A 36 28.32 9.10 -11.60
C ASP A 36 27.82 10.42 -12.24
N GLU A 37 27.89 10.54 -13.57
CA GLU A 37 27.36 11.72 -14.21
C GLU A 37 25.83 11.80 -14.00
N GLU A 38 25.09 10.78 -14.46
CA GLU A 38 23.63 10.79 -14.32
C GLU A 38 23.23 11.03 -12.86
N ILE A 39 23.98 10.44 -11.93
CA ILE A 39 23.68 10.61 -10.51
C ILE A 39 23.81 12.08 -10.14
N LYS A 40 24.91 12.69 -10.61
CA LYS A 40 25.17 14.13 -10.36
C LYS A 40 24.01 14.92 -10.92
N GLU A 41 23.60 14.60 -12.13
CA GLU A 41 22.46 15.31 -12.72
C GLU A 41 21.22 15.12 -11.84
N PHE A 42 21.04 13.92 -11.29
CA PHE A 42 19.86 13.72 -10.47
C PHE A 42 19.95 14.50 -9.14
N LYS A 43 21.11 14.50 -8.49
CA LYS A 43 21.24 15.21 -7.23
C LYS A 43 21.08 16.71 -7.49
N ASN A 44 21.10 17.11 -8.76
CA ASN A 44 20.93 18.52 -9.10
C ASN A 44 19.54 18.90 -9.59
N SER A 45 18.63 17.91 -9.70
CA SER A 45 17.29 18.13 -10.21
C SER A 45 16.40 18.75 -9.16
N VAL A 46 15.35 19.42 -9.60
CA VAL A 46 14.50 20.08 -8.63
C VAL A 46 13.86 19.05 -7.69
N LEU A 47 13.48 17.87 -8.21
CA LEU A 47 12.84 16.92 -7.27
C LEU A 47 13.76 16.55 -6.12
N TYR A 48 15.02 16.26 -6.42
CA TYR A 48 15.97 15.92 -5.38
C TYR A 48 16.16 17.13 -4.48
N PHE A 49 16.29 18.30 -5.10
CA PHE A 49 16.54 19.52 -4.34
C PHE A 49 15.44 19.71 -3.34
N ILE A 50 14.19 19.59 -3.82
CA ILE A 50 13.05 19.80 -2.93
C ILE A 50 13.07 18.79 -1.79
N LEU A 51 13.20 17.52 -2.12
CA LEU A 51 13.19 16.49 -1.08
C LEU A 51 14.33 16.64 -0.06
N SER A 52 15.48 17.12 -0.51
CA SER A 52 16.60 17.27 0.39
C SER A 52 16.26 18.32 1.43
N GLN A 53 15.23 19.15 1.21
CA GLN A 53 14.89 20.16 2.24
C GLN A 53 14.21 19.54 3.48
N ARG A 54 13.72 18.30 3.35
CA ARG A 54 12.95 17.62 4.41
C ARG A 54 13.42 16.20 4.77
N TYR A 55 14.34 15.65 3.99
CA TYR A 55 14.88 14.32 4.24
C TYR A 55 16.37 14.28 3.97
N THR A 56 17.04 13.33 4.60
CA THR A 56 18.45 13.10 4.38
C THR A 56 18.41 11.94 3.37
N ILE A 57 18.67 12.28 2.12
CA ILE A 57 18.58 11.30 1.07
C ILE A 57 19.76 10.36 0.82
N THR A 58 19.45 9.07 0.68
CA THR A 58 20.45 8.07 0.29
C THR A 58 19.94 7.45 -1.03
N LEU A 59 20.80 7.29 -2.01
CA LEU A 59 20.41 6.70 -3.27
C LEU A 59 20.86 5.23 -3.32
N HIS A 60 20.05 4.35 -3.87
CA HIS A 60 20.47 2.96 -3.93
C HIS A 60 20.51 2.50 -5.34
N GLN A 61 21.58 1.81 -5.72
CA GLN A 61 21.64 1.23 -7.07
C GLN A 61 21.82 -0.30 -6.97
N ASN A 62 21.89 -0.84 -5.76
CA ASN A 62 22.08 -2.31 -5.59
C ASN A 62 20.66 -2.99 -5.62
N PRO A 63 20.43 -3.94 -6.56
CA PRO A 63 19.09 -4.59 -6.59
C PRO A 63 18.77 -5.46 -5.34
N ASN A 64 19.78 -5.83 -4.56
CA ASN A 64 19.55 -6.61 -3.36
C ASN A 64 19.52 -5.74 -2.10
N GLU A 65 18.94 -4.54 -2.25
CA GLU A 65 18.77 -3.67 -1.11
C GLU A 65 17.31 -3.18 -0.99
N PHE A 66 16.85 -2.99 0.24
CA PHE A 66 15.49 -2.52 0.50
C PHE A 66 15.57 -0.98 0.29
N SER A 67 14.46 -0.34 -0.07
CA SER A 67 14.40 1.12 -0.24
C SER A 67 13.02 1.63 0.16
N ASP A 68 12.89 2.92 0.43
CA ASP A 68 11.57 3.48 0.75
C ASP A 68 10.80 3.73 -0.54
N LEU A 69 11.48 4.14 -1.61
CA LEU A 69 10.83 4.40 -2.90
C LEU A 69 11.75 3.85 -3.99
N VAL A 70 11.15 3.39 -5.09
CA VAL A 70 11.86 2.92 -6.27
C VAL A 70 11.37 3.97 -7.28
N PHE A 71 12.36 4.64 -7.87
CA PHE A 71 12.14 5.83 -8.70
C PHE A 71 12.56 5.85 -10.10
N GLY A 72 11.64 6.23 -10.97
CA GLY A 72 12.04 6.35 -12.37
C GLY A 72 11.10 5.71 -13.38
N ASN A 73 11.70 5.12 -14.39
CA ASN A 73 10.91 4.41 -15.38
C ASN A 73 11.73 3.31 -16.05
N PRO A 74 12.37 2.38 -15.33
CA PRO A 74 13.17 1.37 -16.06
C PRO A 74 12.56 0.64 -17.26
N LEU A 75 13.44 0.25 -18.19
CA LEU A 75 13.04 -0.47 -19.38
C LEU A 75 13.77 -1.82 -19.40
N GLY A 76 13.28 -2.73 -20.24
CA GLY A 76 13.88 -4.05 -20.35
C GLY A 76 14.08 -4.86 -19.06
N SER A 77 15.30 -5.38 -18.92
CA SER A 77 15.69 -6.20 -17.78
C SER A 77 15.39 -5.49 -16.44
N ALA A 78 15.78 -4.21 -16.34
CA ALA A 78 15.54 -3.44 -15.12
C ALA A 78 14.02 -3.23 -14.78
N ARG A 79 13.13 -3.32 -15.77
CA ARG A 79 11.66 -3.16 -15.53
C ARG A 79 11.10 -4.45 -14.87
N LYS A 80 11.70 -5.59 -15.22
CA LYS A 80 11.28 -6.88 -14.67
C LYS A 80 11.60 -6.87 -13.17
N ILE A 81 12.87 -6.55 -12.83
CA ILE A 81 13.29 -6.52 -11.43
C ILE A 81 12.38 -5.59 -10.60
N LEU A 82 11.95 -4.48 -11.21
CA LEU A 82 11.06 -3.51 -10.56
C LEU A 82 9.86 -4.26 -9.96
N SER A 83 9.28 -5.13 -10.81
CA SER A 83 8.13 -5.99 -10.46
C SER A 83 8.29 -6.70 -9.12
N TYR A 84 9.55 -6.94 -8.73
CA TYR A 84 9.92 -7.64 -7.47
C TYR A 84 10.37 -6.83 -6.21
N GLN A 85 10.73 -5.53 -6.33
CA GLN A 85 11.15 -4.64 -5.21
C GLN A 85 9.84 -4.42 -4.42
N ASN A 86 8.77 -4.30 -5.18
CA ASN A 86 7.41 -4.28 -4.63
C ASN A 86 7.60 -3.35 -3.53
N ALA A 87 8.34 -2.36 -3.95
CA ALA A 87 8.60 -1.33 -3.04
C ALA A 87 7.54 -0.30 -3.46
N LYS A 88 7.56 0.82 -2.80
CA LYS A 88 6.65 1.88 -3.12
C LYS A 88 7.22 2.49 -4.43
N ARG A 89 6.62 2.16 -5.56
CA ARG A 89 7.14 2.61 -6.87
C ARG A 89 6.60 3.94 -7.40
N VAL A 90 7.51 4.80 -7.88
CA VAL A 90 7.12 6.14 -8.36
C VAL A 90 7.63 6.31 -9.81
N PHE A 91 6.70 6.43 -10.76
CA PHE A 91 7.00 6.60 -12.19
C PHE A 91 7.44 8.02 -12.43
N TYR A 92 8.52 8.20 -13.18
CA TYR A 92 8.98 9.56 -13.46
C TYR A 92 9.89 9.53 -14.66
N THR A 93 9.53 10.28 -15.72
CA THR A 93 10.38 10.30 -16.91
C THR A 93 10.36 11.67 -17.62
N GLY A 94 11.39 11.98 -18.39
CA GLY A 94 11.38 13.22 -19.15
C GLY A 94 10.71 12.98 -20.49
N GLU A 95 10.38 11.74 -20.79
CA GLU A 95 9.77 11.44 -22.08
C GLU A 95 8.28 11.76 -22.18
N ASN A 96 7.77 11.81 -23.42
CA ASN A 96 6.35 12.08 -23.63
C ASN A 96 5.64 10.73 -23.55
N GLU A 97 5.53 10.27 -22.32
CA GLU A 97 4.98 8.96 -22.02
C GLU A 97 4.12 8.98 -20.80
N SER A 98 2.89 8.47 -20.89
CA SER A 98 1.98 8.46 -19.74
C SER A 98 2.37 7.27 -18.83
N PRO A 99 2.07 7.37 -17.54
CA PRO A 99 2.43 6.28 -16.59
C PRO A 99 1.66 4.97 -16.71
N ASN A 100 2.28 3.86 -16.31
CA ASN A 100 1.60 2.54 -16.25
C ASN A 100 1.16 2.40 -14.76
N PHE A 101 -0.13 2.56 -14.45
CA PHE A 101 -0.56 2.49 -13.07
C PHE A 101 -0.72 1.02 -12.58
N ASN A 102 -0.56 0.07 -13.48
CA ASN A 102 -0.57 -1.34 -12.99
C ASN A 102 0.78 -1.65 -12.33
N LEU A 103 1.85 -1.06 -12.89
CA LEU A 103 3.19 -1.31 -12.41
C LEU A 103 3.65 -0.31 -11.35
N PHE A 104 3.16 0.93 -11.43
CA PHE A 104 3.60 1.95 -10.46
C PHE A 104 2.54 2.41 -9.50
N ASP A 105 2.88 2.49 -8.23
CA ASP A 105 1.92 2.95 -7.28
C ASP A 105 1.58 4.44 -7.44
N TYR A 106 2.64 5.22 -7.70
CA TYR A 106 2.50 6.67 -7.81
C TYR A 106 3.19 7.15 -9.06
N ALA A 107 2.84 8.37 -9.51
CA ALA A 107 3.48 8.84 -10.71
C ALA A 107 3.56 10.35 -10.68
N ILE A 108 4.60 10.88 -11.29
CA ILE A 108 4.74 12.32 -11.40
C ILE A 108 4.87 12.51 -12.92
N GLY A 109 4.06 13.37 -13.53
CA GLY A 109 4.17 13.52 -14.97
C GLY A 109 3.70 14.85 -15.54
N PHE A 110 3.28 14.84 -16.81
CA PHE A 110 2.82 16.10 -17.48
C PHE A 110 1.33 16.03 -17.83
N ASP A 111 0.78 14.81 -17.83
CA ASP A 111 -0.60 14.62 -18.23
C ASP A 111 -1.56 15.44 -17.34
N GLU A 112 -2.67 15.84 -17.93
CA GLU A 112 -3.68 16.64 -17.21
C GLU A 112 -4.68 15.60 -16.72
N LEU A 113 -4.37 15.01 -15.58
CA LEU A 113 -5.12 13.88 -15.07
C LEU A 113 -5.19 14.00 -13.57
N ASP A 114 -6.27 13.46 -13.02
CA ASP A 114 -6.47 13.46 -11.57
C ASP A 114 -6.69 11.99 -11.16
N PHE A 115 -5.80 11.47 -10.34
CA PHE A 115 -5.90 10.10 -9.85
C PHE A 115 -5.71 10.23 -8.32
N ASN A 116 -6.32 11.27 -7.76
CA ASN A 116 -6.27 11.46 -6.31
C ASN A 116 -4.85 11.44 -5.75
N ASP A 117 -4.53 10.59 -4.78
CA ASP A 117 -3.20 10.60 -4.23
C ASP A 117 -2.16 9.95 -5.12
N ARG A 118 -2.54 9.33 -6.20
CA ARG A 118 -1.55 8.58 -6.98
C ARG A 118 -0.77 9.32 -8.02
N TYR A 119 -1.21 10.55 -8.34
CA TYR A 119 -0.56 11.28 -9.41
C TYR A 119 -0.36 12.80 -9.13
N LEU A 120 0.76 13.30 -9.61
CA LEU A 120 1.09 14.76 -9.44
C LEU A 120 1.63 15.28 -10.77
N ARG A 121 1.10 16.41 -11.25
CA ARG A 121 1.63 16.91 -12.49
C ARG A 121 2.78 17.86 -12.10
N MET A 122 3.99 17.61 -12.60
CA MET A 122 5.17 18.49 -12.37
C MET A 122 5.87 18.55 -13.73
N PRO A 123 5.47 19.50 -14.59
CA PRO A 123 6.08 19.61 -15.91
C PRO A 123 7.60 19.87 -15.88
N LEU A 124 8.24 19.50 -17.00
CA LEU A 124 9.67 19.66 -17.11
C LEU A 124 10.12 21.13 -16.98
N TYR A 125 9.21 22.06 -17.32
CA TYR A 125 9.57 23.49 -17.23
C TYR A 125 9.84 23.91 -15.81
N TYR A 126 9.28 23.20 -14.81
CA TYR A 126 9.49 23.59 -13.43
C TYR A 126 10.94 23.28 -13.07
N ASP A 127 11.43 22.11 -13.50
CA ASP A 127 12.82 21.72 -13.28
C ASP A 127 13.81 22.73 -14.02
N ARG A 128 13.48 23.18 -15.25
CA ARG A 128 14.37 24.12 -15.96
C ARG A 128 14.42 25.43 -15.15
N LEU A 129 13.31 25.88 -14.56
CA LEU A 129 13.32 27.07 -13.72
C LEU A 129 14.27 26.91 -12.55
N HIS A 130 14.26 25.73 -11.91
CA HIS A 130 15.16 25.47 -10.83
C HIS A 130 16.64 25.66 -11.33
N HIS A 131 16.98 25.16 -12.51
CA HIS A 131 18.36 25.31 -12.96
C HIS A 131 18.67 26.82 -13.29
N LYS A 132 17.70 27.51 -13.91
CA LYS A 132 17.89 28.95 -14.23
C LYS A 132 18.06 29.70 -12.90
N ALA A 133 17.26 29.35 -11.88
CA ALA A 133 17.40 29.99 -10.59
C ALA A 133 18.80 29.79 -9.99
N GLU A 134 19.34 28.58 -10.09
CA GLU A 134 20.66 28.39 -9.55
C GLU A 134 21.69 29.16 -10.37
N SER A 135 21.59 29.16 -11.69
CA SER A 135 22.62 29.81 -12.49
C SER A 135 22.68 31.34 -12.31
N VAL A 136 21.65 31.92 -11.69
CA VAL A 136 21.66 33.34 -11.50
C VAL A 136 21.89 33.77 -10.09
N ASN A 137 22.36 32.83 -9.29
CA ASN A 137 22.77 33.16 -7.93
C ASN A 137 24.27 33.40 -8.23
N ASP A 138 24.52 34.50 -8.95
CA ASP A 138 25.85 34.87 -9.47
C ASP A 138 25.88 36.39 -9.32
N THR A 139 27.05 36.94 -9.00
CA THR A 139 27.13 38.38 -8.80
C THR A 139 27.09 39.18 -10.08
N THR A 140 27.25 38.52 -11.23
CA THR A 140 27.17 39.24 -12.51
C THR A 140 25.88 39.00 -13.28
N ALA A 141 24.96 38.20 -12.71
CA ALA A 141 23.70 37.92 -13.42
C ALA A 141 22.79 39.15 -13.50
N PRO A 142 22.03 39.30 -14.60
CA PRO A 142 21.10 40.39 -14.83
C PRO A 142 19.70 40.14 -14.26
N TYR A 143 19.52 38.95 -13.68
CA TYR A 143 18.22 38.61 -13.08
C TYR A 143 18.45 38.55 -11.54
N LYS A 144 17.58 39.13 -10.73
CA LYS A 144 17.81 39.11 -9.29
C LYS A 144 16.95 38.15 -8.47
N LEU A 145 17.60 37.53 -7.47
CA LEU A 145 16.99 36.56 -6.54
C LEU A 145 16.66 37.24 -5.21
N LYS A 146 15.41 37.12 -4.78
CA LYS A 146 14.97 37.71 -3.52
C LYS A 146 16.00 37.44 -2.45
N ASP A 147 16.35 38.49 -1.72
CA ASP A 147 17.35 38.37 -0.67
C ASP A 147 16.90 37.27 0.26
N ASN A 148 17.81 36.41 0.64
CA ASN A 148 17.50 35.38 1.61
C ASN A 148 16.56 34.28 1.27
N SER A 149 16.28 34.11 0.01
CA SER A 149 15.43 33.02 -0.33
C SER A 149 16.32 31.81 -0.49
N LEU A 150 15.65 30.68 -0.55
CA LEU A 150 16.36 29.44 -0.67
C LEU A 150 17.49 29.46 -1.69
N TYR A 151 17.26 29.98 -2.89
CA TYR A 151 18.32 29.95 -3.89
C TYR A 151 19.51 30.90 -3.67
N ALA A 152 19.34 31.88 -2.81
CA ALA A 152 20.38 32.86 -2.51
C ALA A 152 21.29 32.44 -1.34
N LEU A 153 20.90 31.42 -0.59
CA LEU A 153 21.68 31.02 0.56
C LEU A 153 23.03 30.36 0.29
N LYS A 154 23.23 29.80 -0.90
CA LYS A 154 24.53 29.17 -1.19
C LYS A 154 25.43 30.26 -1.81
N LYS A 155 26.75 30.06 -1.78
CA LYS A 155 27.67 31.07 -2.33
C LYS A 155 27.51 31.30 -3.81
N PRO A 156 27.50 32.58 -4.24
CA PRO A 156 27.34 32.87 -5.66
C PRO A 156 28.59 32.78 -6.54
N SER A 157 28.39 32.49 -7.82
CA SER A 157 29.48 32.43 -8.79
C SER A 157 29.64 33.85 -9.41
N HIS A 158 30.58 34.00 -10.34
CA HIS A 158 30.81 35.32 -10.95
C HIS A 158 31.03 35.26 -12.50
N CYS A 159 30.62 34.14 -13.11
CA CYS A 159 30.84 33.87 -14.54
C CYS A 159 29.75 34.18 -15.53
N PHE A 160 28.55 34.43 -15.02
CA PHE A 160 27.42 34.65 -15.89
C PHE A 160 27.58 35.67 -17.00
N LYS A 161 27.95 36.89 -16.62
CA LYS A 161 28.10 37.93 -17.63
C LYS A 161 29.20 37.58 -18.66
N GLU A 162 30.36 37.13 -18.17
CA GLU A 162 31.44 36.78 -19.05
C GLU A 162 30.90 35.75 -20.07
N LYS A 163 30.03 34.86 -19.60
CA LYS A 163 29.43 33.87 -20.45
C LYS A 163 28.20 34.30 -21.25
N HIS A 164 27.50 35.34 -20.80
CA HIS A 164 26.31 35.77 -21.54
C HIS A 164 26.32 37.32 -21.73
N PRO A 165 27.34 37.84 -22.42
CA PRO A 165 27.42 39.30 -22.64
C PRO A 165 26.21 39.91 -23.32
N ASN A 166 25.83 39.34 -24.45
CA ASN A 166 24.72 39.84 -25.25
C ASN A 166 23.43 39.82 -24.44
N LEU A 167 23.20 38.68 -23.77
CA LEU A 167 22.02 38.49 -22.95
C LEU A 167 21.98 39.54 -21.85
N CYS A 168 23.07 39.70 -21.14
CA CYS A 168 23.16 40.72 -20.11
C CYS A 168 22.89 42.13 -20.67
N ALA A 169 23.56 42.43 -21.77
CA ALA A 169 23.39 43.76 -22.40
C ALA A 169 21.93 44.05 -22.68
N VAL A 170 21.21 43.13 -23.33
CA VAL A 170 19.82 43.45 -23.63
C VAL A 170 18.92 43.45 -22.38
N VAL A 171 19.15 42.53 -21.44
CA VAL A 171 18.34 42.54 -20.24
C VAL A 171 18.63 43.84 -19.49
N ASN A 172 19.91 44.21 -19.46
CA ASN A 172 20.32 45.47 -18.81
C ASN A 172 20.00 46.79 -19.60
N ASP A 173 19.02 46.76 -20.51
CA ASP A 173 18.66 47.94 -21.31
C ASP A 173 19.82 48.71 -21.99
N GLU A 174 20.92 48.01 -22.24
CA GLU A 174 22.08 48.59 -22.88
C GLU A 174 22.12 48.27 -24.38
N SER A 175 21.16 47.47 -24.86
CA SER A 175 21.06 47.10 -26.27
C SER A 175 19.60 47.33 -26.60
N ASP A 176 19.24 47.29 -27.86
CA ASP A 176 17.86 47.50 -28.21
C ASP A 176 17.41 46.16 -28.76
N PRO A 177 16.40 45.55 -28.12
CA PRO A 177 15.87 44.23 -28.53
C PRO A 177 15.44 44.16 -30.00
N LEU A 178 15.05 45.32 -30.56
CA LEU A 178 14.63 45.39 -31.95
C LEU A 178 15.84 45.28 -32.85
N LYS A 179 17.01 45.60 -32.31
CA LYS A 179 18.22 45.50 -33.10
C LYS A 179 18.89 44.13 -32.89
N ARG A 180 18.24 43.12 -33.47
CA ARG A 180 18.71 41.75 -33.39
C ARG A 180 18.34 40.99 -34.66
N GLY A 181 18.91 39.80 -34.82
CA GLY A 181 18.55 38.98 -35.94
C GLY A 181 17.08 38.58 -35.78
N PHE A 182 16.54 37.93 -36.80
CA PHE A 182 15.16 37.54 -36.78
C PHE A 182 14.86 36.37 -35.79
N ALA A 183 15.39 35.20 -36.09
CA ALA A 183 15.06 34.06 -35.25
C ALA A 183 16.08 32.95 -35.12
N SER A 184 16.24 32.44 -33.90
CA SER A 184 17.14 31.33 -33.61
C SER A 184 16.39 30.01 -33.66
N PHE A 185 17.11 28.92 -33.88
CA PHE A 185 16.53 27.62 -33.97
C PHE A 185 17.58 26.63 -33.52
N VAL A 186 17.34 25.94 -32.41
CA VAL A 186 18.31 24.96 -31.94
C VAL A 186 17.61 23.61 -31.76
N ALA A 187 18.00 22.63 -32.58
CA ALA A 187 17.41 21.31 -32.51
C ALA A 187 18.35 20.21 -32.98
N SER A 188 18.23 19.03 -32.37
CA SER A 188 19.06 17.85 -32.68
C SER A 188 18.43 16.74 -33.55
N ASN A 189 17.10 16.67 -33.64
CA ASN A 189 16.43 15.65 -34.47
C ASN A 189 15.76 16.28 -35.71
N PRO A 190 16.15 15.83 -36.92
CA PRO A 190 15.58 16.37 -38.17
C PRO A 190 14.14 15.97 -38.44
N ASN A 191 13.84 14.71 -38.12
CA ASN A 191 12.53 14.12 -38.33
C ASN A 191 11.57 14.75 -37.34
N ALA A 192 10.72 15.61 -37.88
CA ALA A 192 9.71 16.31 -37.13
C ALA A 192 8.87 16.95 -38.23
N PRO A 193 8.12 16.12 -38.97
CA PRO A 193 7.25 16.57 -40.06
C PRO A 193 6.46 17.86 -39.81
N ILE A 194 6.02 18.10 -38.57
CA ILE A 194 5.26 19.32 -38.28
C ILE A 194 6.20 20.52 -38.10
N ARG A 195 7.32 20.28 -37.41
CA ARG A 195 8.32 21.33 -37.19
C ARG A 195 8.96 21.87 -38.49
N ASN A 196 9.25 20.97 -39.43
CA ASN A 196 9.87 21.33 -40.70
C ASN A 196 8.97 22.13 -41.61
N ALA A 197 7.71 21.71 -41.71
CA ALA A 197 6.79 22.45 -42.55
C ALA A 197 6.80 23.87 -42.01
N PHE A 198 7.00 23.99 -40.69
CA PHE A 198 7.01 25.29 -40.03
C PHE A 198 8.33 26.03 -40.14
N TYR A 199 9.44 25.31 -40.11
CA TYR A 199 10.72 25.98 -40.23
C TYR A 199 10.86 26.52 -41.67
N ASP A 200 10.43 25.71 -42.63
CA ASP A 200 10.49 26.09 -44.04
C ASP A 200 9.62 27.33 -44.23
N ALA A 201 8.46 27.35 -43.56
CA ALA A 201 7.56 28.49 -43.68
C ALA A 201 8.01 29.71 -42.87
N LEU A 202 8.82 29.49 -41.85
CA LEU A 202 9.28 30.64 -41.08
C LEU A 202 10.52 31.12 -41.79
N ASN A 203 11.29 30.15 -42.28
CA ASN A 203 12.52 30.42 -42.97
C ASN A 203 12.32 31.06 -44.32
N SER A 204 11.08 31.46 -44.59
CA SER A 204 10.78 32.10 -45.85
C SER A 204 10.12 33.45 -45.60
N ILE A 205 10.52 34.09 -44.50
CA ILE A 205 10.05 35.42 -44.14
C ILE A 205 11.39 36.13 -44.10
N GLU A 206 12.34 35.44 -43.51
CA GLU A 206 13.67 35.94 -43.37
C GLU A 206 14.36 34.67 -42.98
N PRO A 207 15.65 34.52 -43.32
CA PRO A 207 16.36 33.30 -42.95
C PRO A 207 16.30 33.08 -41.45
N VAL A 208 16.29 31.81 -41.05
CA VAL A 208 16.27 31.45 -39.63
C VAL A 208 17.67 30.97 -39.30
N THR A 209 18.19 31.44 -38.18
CA THR A 209 19.53 31.09 -37.78
C THR A 209 19.56 29.81 -36.96
N GLY A 210 20.22 28.79 -37.48
CA GLY A 210 20.29 27.54 -36.76
C GLY A 210 21.58 27.35 -35.99
N GLY A 211 21.44 27.01 -34.70
CA GLY A 211 22.59 26.78 -33.83
C GLY A 211 22.82 25.33 -33.42
N GLY A 212 21.95 24.43 -33.89
CA GLY A 212 22.09 23.02 -33.59
C GLY A 212 22.31 22.20 -34.86
N SER A 213 22.18 20.89 -34.78
CA SER A 213 22.41 20.09 -35.96
C SER A 213 21.39 20.27 -37.04
N VAL A 214 20.12 20.27 -36.68
CA VAL A 214 19.14 20.44 -37.72
C VAL A 214 19.25 21.84 -38.31
N ARG A 215 19.13 21.92 -39.63
CA ARG A 215 19.22 23.18 -40.36
C ARG A 215 20.29 24.16 -39.83
N ASN A 216 21.48 23.64 -39.54
CA ASN A 216 22.54 24.52 -39.05
C ASN A 216 22.94 25.61 -40.04
N THR A 217 23.24 26.81 -39.54
CA THR A 217 23.65 27.90 -40.41
C THR A 217 25.01 28.46 -40.04
N LEU A 218 25.35 28.45 -38.78
CA LEU A 218 26.63 28.99 -38.32
C LEU A 218 27.86 28.16 -38.75
N GLY A 219 27.65 26.88 -39.03
CA GLY A 219 28.75 26.02 -39.42
C GLY A 219 29.36 25.36 -38.20
N TYR A 220 28.64 25.43 -37.08
CA TYR A 220 29.10 24.84 -35.83
C TYR A 220 27.95 25.01 -34.87
N ASN A 221 27.79 24.05 -33.96
CA ASN A 221 26.73 24.07 -32.97
C ASN A 221 27.08 25.03 -31.84
N VAL A 222 26.19 25.98 -31.56
CA VAL A 222 26.44 27.00 -30.55
C VAL A 222 26.92 26.42 -29.21
N LYS A 223 27.75 27.18 -28.48
CA LYS A 223 28.29 26.71 -27.20
C LYS A 223 27.31 26.90 -26.03
N ASN A 224 26.78 28.11 -25.91
CA ASN A 224 25.84 28.41 -24.86
C ASN A 224 24.51 28.74 -25.51
N LYS A 225 23.51 27.91 -25.26
CA LYS A 225 22.24 28.12 -25.88
C LYS A 225 21.62 29.44 -25.52
N ASN A 226 21.66 29.77 -24.25
CA ASN A 226 21.00 30.99 -23.83
C ASN A 226 21.64 32.28 -24.39
N GLU A 227 22.94 32.28 -24.56
CA GLU A 227 23.55 33.49 -25.10
C GLU A 227 23.11 33.62 -26.58
N PHE A 228 23.14 32.50 -27.32
CA PHE A 228 22.74 32.49 -28.71
C PHE A 228 21.29 32.92 -28.95
N LEU A 229 20.33 32.38 -28.19
CA LEU A 229 18.95 32.80 -28.44
C LEU A 229 18.74 34.29 -28.13
N SER A 230 19.52 34.86 -27.20
CA SER A 230 19.33 36.29 -26.85
C SER A 230 19.71 37.22 -27.99
N GLN A 231 20.35 36.68 -29.02
CA GLN A 231 20.74 37.55 -30.14
C GLN A 231 19.65 37.66 -31.22
N TYR A 232 18.50 37.01 -31.01
CA TYR A 232 17.44 37.10 -31.99
C TYR A 232 16.13 37.55 -31.39
N LYS A 233 15.28 38.08 -32.26
CA LYS A 233 14.03 38.61 -31.81
C LYS A 233 13.07 37.49 -31.37
N PHE A 234 13.18 36.33 -32.02
CA PHE A 234 12.26 35.22 -31.76
C PHE A 234 13.04 33.94 -31.62
N ASN A 235 12.41 32.97 -30.97
CA ASN A 235 13.03 31.66 -30.88
C ASN A 235 12.02 30.57 -31.31
N LEU A 236 12.42 29.77 -32.29
CA LEU A 236 11.59 28.67 -32.77
C LEU A 236 11.62 27.60 -31.68
N CYS A 237 10.51 27.53 -30.96
CA CYS A 237 10.31 26.67 -29.80
C CYS A 237 9.28 25.55 -29.99
N PHE A 238 9.55 24.58 -30.86
CA PHE A 238 8.65 23.48 -31.13
C PHE A 238 9.11 22.26 -30.32
N GLU A 239 8.18 21.62 -29.61
CA GLU A 239 8.55 20.42 -28.85
C GLU A 239 8.78 19.33 -29.88
N ASN A 240 9.52 18.32 -29.46
CA ASN A 240 9.84 17.19 -30.32
C ASN A 240 8.61 16.33 -30.66
N THR A 241 7.62 16.31 -29.77
CA THR A 241 6.37 15.56 -30.01
C THR A 241 5.28 16.27 -29.26
N GLN A 242 4.03 15.96 -29.62
CA GLN A 242 2.86 16.56 -28.99
C GLN A 242 2.23 15.73 -27.86
N GLY A 243 1.86 16.43 -26.79
CA GLY A 243 1.17 15.82 -25.67
C GLY A 243 0.46 16.90 -24.91
N TYR A 244 -0.77 16.63 -24.52
CA TYR A 244 -1.48 17.60 -23.74
C TYR A 244 -0.85 17.71 -22.38
N GLY A 245 -0.34 18.90 -22.06
CA GLY A 245 0.35 19.15 -20.80
C GLY A 245 1.84 18.96 -20.98
N TYR A 246 2.30 18.46 -22.14
CA TYR A 246 3.77 18.20 -22.28
C TYR A 246 4.58 19.46 -22.70
N VAL A 247 4.85 20.30 -21.70
CA VAL A 247 5.58 21.55 -21.92
C VAL A 247 6.95 21.35 -21.33
N THR A 248 7.95 21.35 -22.20
CA THR A 248 9.32 21.11 -21.73
C THR A 248 10.10 22.36 -21.32
N GLU A 249 11.39 22.18 -21.11
CA GLU A 249 12.26 23.30 -20.76
C GLU A 249 12.42 24.31 -21.93
N LYS A 250 12.09 23.92 -23.17
CA LYS A 250 12.28 24.85 -24.29
C LYS A 250 11.71 26.27 -24.13
N ILE A 251 10.45 26.38 -23.75
CA ILE A 251 9.86 27.68 -23.66
C ILE A 251 10.54 28.49 -22.57
N ILE A 252 11.04 27.82 -21.54
CA ILE A 252 11.71 28.52 -20.47
C ILE A 252 13.01 29.16 -20.96
N ASP A 253 13.71 28.45 -21.85
CA ASP A 253 14.96 28.95 -22.42
C ASP A 253 14.67 30.23 -23.23
N ALA A 254 13.57 30.24 -23.98
CA ALA A 254 13.22 31.43 -24.73
C ALA A 254 12.97 32.61 -23.79
N TYR A 255 12.18 32.42 -22.73
CA TYR A 255 11.88 33.46 -21.79
C TYR A 255 13.12 33.97 -21.11
N PHE A 256 13.96 33.02 -20.75
CA PHE A 256 15.19 33.35 -20.06
C PHE A 256 16.16 34.22 -20.92
N SER A 257 16.17 33.96 -22.22
CA SER A 257 17.01 34.66 -23.16
C SER A 257 16.34 35.96 -23.71
N HIS A 258 15.27 36.41 -23.07
CA HIS A 258 14.64 37.65 -23.48
C HIS A 258 14.25 37.66 -24.94
N THR A 259 13.72 36.56 -25.46
CA THR A 259 13.31 36.46 -26.86
C THR A 259 11.89 35.91 -26.89
N ILE A 260 11.15 36.20 -27.94
CA ILE A 260 9.76 35.73 -28.04
C ILE A 260 9.64 34.31 -28.50
N PRO A 261 9.06 33.44 -27.64
CA PRO A 261 8.95 32.05 -28.12
C PRO A 261 7.88 31.87 -29.21
N ILE A 262 8.18 31.07 -30.21
CA ILE A 262 7.18 30.73 -31.23
C ILE A 262 6.94 29.25 -30.83
N TYR A 263 5.86 29.01 -30.10
CA TYR A 263 5.54 27.69 -29.52
C TYR A 263 4.60 26.72 -30.19
N TRP A 264 4.95 25.44 -30.13
CA TRP A 264 4.08 24.39 -30.63
C TRP A 264 4.44 23.13 -29.85
N GLY A 265 3.45 22.44 -29.31
CA GLY A 265 3.74 21.21 -28.54
C GLY A 265 2.48 20.83 -27.82
N SER A 266 2.33 21.29 -26.59
CA SER A 266 1.13 21.02 -25.85
C SER A 266 -0.01 22.00 -26.25
N PRO A 267 -1.10 21.50 -26.81
CA PRO A 267 -2.17 22.42 -27.19
C PRO A 267 -2.77 23.18 -26.01
N SER A 268 -2.42 22.80 -24.77
CA SER A 268 -2.99 23.51 -23.62
C SER A 268 -1.97 24.36 -22.90
N VAL A 269 -0.86 24.68 -23.58
CA VAL A 269 0.23 25.52 -23.03
C VAL A 269 -0.30 26.83 -22.45
N ALA A 270 -1.35 27.36 -23.07
CA ALA A 270 -1.94 28.58 -22.56
C ALA A 270 -2.37 28.41 -21.09
N LYS A 271 -2.52 27.18 -20.59
CA LYS A 271 -2.90 27.07 -19.17
C LYS A 271 -1.76 27.34 -18.25
N ASP A 272 -0.56 26.98 -18.71
CA ASP A 272 0.70 27.09 -18.01
C ASP A 272 1.34 28.46 -18.15
N PHE A 273 1.21 29.04 -19.34
CA PHE A 273 1.82 30.38 -19.59
C PHE A 273 0.86 31.39 -20.27
N ASN A 274 1.04 32.66 -19.94
CA ASN A 274 0.26 33.78 -20.52
C ASN A 274 0.43 33.82 -22.07
N PRO A 275 -0.62 33.50 -22.84
CA PRO A 275 -0.54 33.51 -24.31
C PRO A 275 -0.29 34.85 -25.00
N LYS A 276 -0.33 35.93 -24.22
CA LYS A 276 -0.04 37.28 -24.74
C LYS A 276 1.48 37.44 -24.66
N SER A 277 2.16 36.41 -24.11
CA SER A 277 3.61 36.48 -24.01
C SER A 277 4.34 35.61 -25.03
N PHE A 278 3.61 35.00 -25.96
CA PHE A 278 4.33 34.20 -26.93
C PHE A 278 3.42 33.89 -28.07
N VAL A 279 3.99 33.45 -29.18
CA VAL A 279 3.19 33.09 -30.30
C VAL A 279 2.80 31.64 -30.06
N ASN A 280 1.56 31.47 -29.61
CA ASN A 280 1.02 30.14 -29.38
C ASN A 280 0.51 29.63 -30.72
N VAL A 281 1.35 28.90 -31.41
CA VAL A 281 0.96 28.39 -32.70
C VAL A 281 -0.36 27.61 -32.67
N HIS A 282 -0.81 27.21 -31.49
CA HIS A 282 -2.07 26.46 -31.38
C HIS A 282 -3.29 27.41 -31.42
N ASP A 283 -3.08 28.70 -31.16
CA ASP A 283 -4.20 29.64 -31.20
C ASP A 283 -4.56 30.11 -32.63
N PHE A 284 -4.12 29.35 -33.65
CA PHE A 284 -4.35 29.66 -35.06
C PHE A 284 -4.93 28.46 -35.81
N LYS A 285 -5.77 28.68 -36.82
CA LYS A 285 -6.33 27.51 -37.47
C LYS A 285 -5.35 26.82 -38.40
N ASN A 286 -4.31 27.53 -38.80
CA ASN A 286 -3.30 26.90 -39.65
C ASN A 286 -1.98 27.61 -39.41
N PHE A 287 -0.90 27.02 -39.94
CA PHE A 287 0.43 27.59 -39.80
C PHE A 287 0.45 28.87 -40.60
N ASP A 288 0.01 28.73 -41.84
CA ASP A 288 -0.13 29.82 -42.81
C ASP A 288 -0.43 31.12 -42.05
N GLU A 289 -1.53 31.09 -41.32
CA GLU A 289 -2.03 32.21 -40.55
C GLU A 289 -1.14 32.65 -39.38
N ALA A 290 -0.48 31.68 -38.73
CA ALA A 290 0.42 31.96 -37.62
C ALA A 290 1.68 32.62 -38.14
N ILE A 291 2.17 32.17 -39.30
CA ILE A 291 3.34 32.76 -39.94
C ILE A 291 3.04 34.25 -40.16
N ASP A 292 1.80 34.54 -40.55
CA ASP A 292 1.35 35.92 -40.76
C ASP A 292 1.38 36.76 -39.48
N TYR A 293 1.00 36.18 -38.34
CA TYR A 293 1.04 36.98 -37.12
C TYR A 293 2.51 37.18 -36.70
N ILE A 294 3.39 36.26 -37.08
CA ILE A 294 4.78 36.41 -36.72
C ILE A 294 5.37 37.50 -37.62
N LYS A 295 5.02 37.41 -38.91
CA LYS A 295 5.45 38.40 -39.88
C LYS A 295 5.01 39.78 -39.33
N TYR A 296 3.76 39.87 -38.85
CA TYR A 296 3.24 41.12 -38.28
C TYR A 296 4.09 41.57 -37.10
N LEU A 297 4.27 40.72 -36.09
CA LEU A 297 5.06 41.10 -34.89
C LEU A 297 6.48 41.56 -35.22
N HIS A 298 7.06 40.96 -36.25
CA HIS A 298 8.40 41.32 -36.66
C HIS A 298 8.52 42.72 -37.32
N THR A 299 7.41 43.25 -37.81
CA THR A 299 7.42 44.54 -38.50
C THR A 299 6.56 45.61 -37.85
N HIS A 300 6.11 45.36 -36.61
CA HIS A 300 5.31 46.33 -35.88
C HIS A 300 5.86 46.34 -34.48
N LYS A 301 7.01 47.00 -34.32
CA LYS A 301 7.74 47.08 -33.06
C LYS A 301 6.94 47.26 -31.78
N ASN A 302 5.76 47.85 -31.89
CA ASN A 302 4.97 48.08 -30.71
C ASN A 302 4.33 46.81 -30.20
N ALA A 303 3.78 46.04 -31.13
CA ALA A 303 3.14 44.79 -30.80
C ALA A 303 4.26 43.84 -30.37
N TYR A 304 5.41 43.95 -31.01
CA TYR A 304 6.51 43.08 -30.63
C TYR A 304 7.02 43.36 -29.20
N LEU A 305 7.21 44.63 -28.85
CA LEU A 305 7.68 44.93 -27.51
C LEU A 305 6.59 44.64 -26.47
N ASP A 306 5.34 44.68 -26.90
CA ASP A 306 4.21 44.41 -26.02
C ASP A 306 4.36 42.96 -25.45
N MET A 307 4.48 42.01 -26.37
CA MET A 307 4.63 40.58 -26.09
C MET A 307 5.89 40.29 -25.26
N LEU A 308 7.04 40.84 -25.69
CA LEU A 308 8.30 40.63 -25.01
C LEU A 308 8.21 41.04 -23.56
N TYR A 309 7.35 42.01 -23.31
CA TYR A 309 7.21 42.54 -21.95
C TYR A 309 6.06 41.96 -21.09
N GLU A 310 5.21 41.14 -21.70
CA GLU A 310 4.14 40.48 -20.94
C GLU A 310 4.80 39.54 -19.91
N ASN A 311 4.09 39.32 -18.81
CA ASN A 311 4.55 38.42 -17.73
C ASN A 311 4.45 37.04 -18.37
N PRO A 312 5.50 36.22 -18.27
CA PRO A 312 5.35 34.89 -18.87
C PRO A 312 4.16 34.12 -18.25
N LEU A 313 3.90 34.34 -16.96
CA LEU A 313 2.78 33.64 -16.33
C LEU A 313 1.41 34.32 -16.41
N ASN A 314 0.35 33.52 -16.37
CA ASN A 314 -0.99 34.07 -16.37
C ASN A 314 -1.17 34.72 -14.96
N THR A 315 -2.13 35.64 -14.82
CA THR A 315 -2.42 36.25 -13.53
C THR A 315 -3.89 36.15 -13.26
N LEU A 316 -4.24 36.15 -11.98
CA LEU A 316 -5.62 36.16 -11.53
C LEU A 316 -5.63 37.25 -10.48
N ASP A 317 -6.22 38.39 -10.83
CA ASP A 317 -6.32 39.53 -9.90
C ASP A 317 -4.97 40.08 -9.49
N GLY A 318 -4.13 40.32 -10.48
CA GLY A 318 -2.81 40.86 -10.23
C GLY A 318 -1.72 39.91 -9.73
N LYS A 319 -2.11 38.75 -9.17
CA LYS A 319 -1.12 37.81 -8.64
C LYS A 319 -0.78 36.79 -9.73
N ALA A 320 0.51 36.68 -10.04
CA ALA A 320 0.99 35.73 -11.06
C ALA A 320 0.89 34.30 -10.48
N TYR A 321 0.58 33.30 -11.28
CA TYR A 321 0.51 31.95 -10.71
C TYR A 321 0.95 30.86 -11.67
N PHE A 322 1.40 29.76 -11.07
CA PHE A 322 1.74 28.58 -11.86
C PHE A 322 0.41 27.78 -11.95
N TYR A 323 0.14 27.19 -13.11
CA TYR A 323 -1.09 26.44 -13.30
C TYR A 323 -1.21 25.37 -12.19
N GLN A 324 -2.40 25.27 -11.60
CA GLN A 324 -2.72 24.36 -10.48
C GLN A 324 -1.82 24.59 -9.24
N ASN A 325 -1.30 25.79 -9.11
CA ASN A 325 -0.47 26.15 -7.97
C ASN A 325 0.73 25.25 -7.66
N LEU A 326 1.39 24.78 -8.71
CA LEU A 326 2.60 23.97 -8.54
C LEU A 326 3.59 24.73 -7.59
N SER A 327 4.17 24.03 -6.62
CA SER A 327 5.07 24.67 -5.69
C SER A 327 5.84 23.61 -4.88
N PHE A 328 6.87 24.07 -4.17
CA PHE A 328 7.60 23.17 -3.32
C PHE A 328 6.63 22.55 -2.30
N LYS A 329 5.72 23.35 -1.73
CA LYS A 329 4.76 22.83 -0.75
C LYS A 329 3.87 21.70 -1.32
N LYS A 330 3.39 21.88 -2.54
CA LYS A 330 2.52 20.91 -3.18
C LYS A 330 3.30 19.62 -3.43
N ILE A 331 4.55 19.76 -3.86
CA ILE A 331 5.37 18.60 -4.13
C ILE A 331 5.76 17.85 -2.86
N LEU A 332 6.09 18.57 -1.79
CA LEU A 332 6.41 17.93 -0.52
C LEU A 332 5.17 17.28 0.10
N ALA A 333 4.01 17.89 -0.06
CA ALA A 333 2.77 17.27 0.49
C ALA A 333 2.53 15.94 -0.23
N PHE A 334 2.73 15.96 -1.55
CA PHE A 334 2.51 14.75 -2.35
C PHE A 334 3.41 13.62 -1.82
N PHE A 335 4.69 13.91 -1.60
CA PHE A 335 5.58 12.89 -1.05
C PHE A 335 5.34 12.48 0.40
N LYS A 336 4.90 13.40 1.24
CA LYS A 336 4.60 13.05 2.64
C LYS A 336 3.40 12.07 2.62
N THR A 337 2.47 12.33 1.73
CA THR A 337 1.31 11.42 1.61
C THR A 337 1.74 10.02 1.08
N ILE A 338 2.61 9.98 0.09
CA ILE A 338 3.09 8.71 -0.42
C ILE A 338 3.79 7.91 0.71
N LEU A 339 4.68 8.59 1.42
CA LEU A 339 5.47 7.91 2.45
C LEU A 339 4.64 7.42 3.64
N GLU A 340 3.60 8.16 3.99
CA GLU A 340 2.76 7.79 5.09
C GLU A 340 1.64 6.84 4.71
N ASN A 341 1.45 6.58 3.42
CA ASN A 341 0.37 5.71 2.95
C ASN A 341 0.92 4.30 2.73
N ASP A 342 0.43 3.32 3.50
CA ASP A 342 0.95 1.96 3.35
C ASP A 342 0.19 1.13 2.33
N THR A 343 -0.83 1.72 1.72
CA THR A 343 -1.57 0.91 0.73
C THR A 343 -0.69 0.51 -0.48
N ILE A 344 -0.75 -0.75 -0.92
CA ILE A 344 -0.04 -1.18 -2.10
C ILE A 344 -1.05 -1.09 -3.25
N TYR A 345 -0.74 -0.23 -4.24
CA TYR A 345 -1.58 -0.06 -5.40
C TYR A 345 -1.10 -0.85 -6.58
N HIS A 346 0.20 -1.13 -6.69
CA HIS A 346 0.71 -1.88 -7.87
C HIS A 346 0.30 -3.34 -7.88
N ASP A 347 0.29 -3.96 -9.06
CA ASP A 347 -0.13 -5.38 -9.17
C ASP A 347 0.75 -6.18 -8.20
N ASN A 348 0.12 -6.89 -7.27
CA ASN A 348 0.82 -7.60 -6.19
C ASN A 348 0.22 -8.97 -6.14
N PRO A 349 0.59 -9.82 -7.08
CA PRO A 349 0.10 -11.20 -7.21
C PRO A 349 0.79 -12.20 -6.25
N MET B 1 -32.59 -6.60 -1.15
CA MET B 1 -33.79 -6.14 -1.92
C MET B 1 -33.36 -5.71 -3.33
N PHE B 2 -33.47 -6.59 -4.31
CA PHE B 2 -33.06 -6.25 -5.65
C PHE B 2 -34.02 -5.30 -6.32
N GLN B 3 -35.32 -5.37 -5.98
CA GLN B 3 -36.27 -4.50 -6.68
C GLN B 3 -35.88 -3.03 -6.81
N PRO B 4 -35.51 -2.36 -5.70
CA PRO B 4 -35.13 -0.94 -5.79
C PRO B 4 -33.83 -0.74 -6.68
N LEU B 5 -32.97 -1.75 -6.71
CA LEU B 5 -31.73 -1.65 -7.52
C LEU B 5 -32.13 -1.64 -8.98
N LEU B 6 -33.01 -2.56 -9.34
CA LEU B 6 -33.52 -2.66 -10.70
C LEU B 6 -34.23 -1.38 -11.09
N ASP B 7 -35.07 -0.85 -10.19
CA ASP B 7 -35.79 0.38 -10.51
C ASP B 7 -34.81 1.49 -10.87
N ALA B 8 -33.76 1.65 -10.06
CA ALA B 8 -32.79 2.71 -10.33
C ALA B 8 -32.01 2.40 -11.65
N TYR B 9 -31.75 1.13 -11.91
CA TYR B 9 -31.07 0.76 -13.15
C TYR B 9 -31.93 1.14 -14.38
N VAL B 10 -33.21 0.77 -14.34
CA VAL B 10 -34.10 1.06 -15.44
C VAL B 10 -34.17 2.56 -15.61
N GLU B 11 -34.26 3.29 -14.50
CA GLU B 11 -34.26 4.75 -14.62
C GLU B 11 -32.95 5.23 -15.27
N SER B 12 -31.80 4.64 -14.88
CA SER B 12 -30.54 5.07 -15.47
C SER B 12 -30.43 4.77 -16.97
N ALA B 13 -31.31 3.91 -17.47
CA ALA B 13 -31.32 3.53 -18.88
C ALA B 13 -32.26 4.40 -19.70
N SER B 14 -32.92 5.35 -19.05
CA SER B 14 -33.87 6.19 -19.81
C SER B 14 -33.20 7.26 -20.68
N ILE B 15 -33.55 7.23 -21.96
CA ILE B 15 -33.00 8.21 -22.88
C ILE B 15 -34.14 8.81 -23.78
N GLU B 16 -33.89 10.00 -24.31
CA GLU B 16 -34.82 10.73 -25.20
C GLU B 16 -35.13 9.82 -26.38
N LYS B 17 -36.40 9.73 -26.75
CA LYS B 17 -36.73 8.82 -27.85
C LYS B 17 -36.67 9.38 -29.24
N MET B 18 -35.65 10.20 -29.49
CA MET B 18 -35.43 10.79 -30.81
C MET B 18 -35.96 9.81 -31.86
N ALA B 19 -37.12 10.12 -32.43
CA ALA B 19 -37.74 9.26 -33.45
C ALA B 19 -37.80 9.97 -34.79
N SER B 20 -37.82 11.30 -34.74
CA SER B 20 -37.84 12.11 -35.95
C SER B 20 -36.55 11.78 -36.69
N LYS B 21 -35.51 11.51 -35.89
CA LYS B 21 -34.18 11.15 -36.40
C LYS B 21 -34.11 9.64 -36.74
N SER B 22 -32.94 9.22 -37.22
CA SER B 22 -32.66 7.80 -37.52
C SER B 22 -31.25 7.48 -37.06
N PRO B 23 -31.02 6.27 -36.50
CA PRO B 23 -29.65 5.98 -36.03
C PRO B 23 -28.60 5.90 -37.13
N PRO B 24 -27.70 6.90 -37.18
CA PRO B 24 -26.66 6.89 -38.21
C PRO B 24 -25.76 5.68 -38.14
N PRO B 25 -25.21 5.24 -39.30
CA PRO B 25 -24.31 4.08 -39.34
C PRO B 25 -23.05 4.40 -38.52
N LEU B 26 -22.61 3.45 -37.70
CA LEU B 26 -21.41 3.62 -36.89
C LEU B 26 -20.62 2.35 -37.13
N LYS B 27 -19.41 2.51 -37.64
CA LYS B 27 -18.52 1.37 -37.97
C LYS B 27 -17.45 1.12 -36.89
N ILE B 28 -17.53 -0.04 -36.24
CA ILE B 28 -16.62 -0.37 -35.15
C ILE B 28 -15.74 -1.58 -35.40
N ALA B 29 -14.45 -1.37 -35.39
CA ALA B 29 -13.54 -2.47 -35.58
C ALA B 29 -13.16 -3.01 -34.19
N VAL B 30 -12.82 -4.29 -34.12
CA VAL B 30 -12.33 -4.87 -32.89
C VAL B 30 -10.97 -5.41 -33.29
N ALA B 31 -10.01 -5.32 -32.38
CA ALA B 31 -8.65 -5.79 -32.64
C ALA B 31 -8.60 -7.31 -32.95
N ASN B 32 -7.56 -7.72 -33.69
CA ASN B 32 -7.36 -9.14 -34.07
C ASN B 32 -7.13 -10.10 -32.91
N TRP B 33 -6.48 -9.60 -31.87
CA TRP B 33 -6.20 -10.35 -30.65
C TRP B 33 -7.52 -10.91 -30.11
N TRP B 34 -8.58 -10.18 -30.36
CA TRP B 34 -9.88 -10.58 -29.86
C TRP B 34 -10.36 -11.87 -30.48
N GLY B 35 -10.61 -12.85 -29.61
CA GLY B 35 -11.11 -14.15 -30.04
C GLY B 35 -12.60 -14.07 -30.36
N ASP B 36 -13.17 -15.12 -30.94
CA ASP B 36 -14.58 -15.10 -31.32
C ASP B 36 -15.56 -15.04 -30.17
N GLU B 37 -15.15 -15.49 -28.98
CA GLU B 37 -16.05 -15.45 -27.86
C GLU B 37 -15.94 -14.11 -27.14
N GLU B 38 -14.79 -13.45 -27.27
CA GLU B 38 -14.58 -12.15 -26.69
C GLU B 38 -15.38 -11.19 -27.58
N ILE B 39 -15.62 -11.57 -28.83
CA ILE B 39 -16.38 -10.73 -29.77
C ILE B 39 -17.87 -10.96 -29.52
N LYS B 40 -18.22 -12.21 -29.20
CA LYS B 40 -19.62 -12.51 -28.94
C LYS B 40 -20.07 -11.80 -27.65
N GLU B 41 -19.18 -11.78 -26.65
CA GLU B 41 -19.48 -11.14 -25.36
C GLU B 41 -19.67 -9.64 -25.53
N PHE B 42 -18.82 -9.04 -26.35
CA PHE B 42 -18.91 -7.63 -26.60
C PHE B 42 -20.25 -7.28 -27.29
N LYS B 43 -20.62 -8.11 -28.26
CA LYS B 43 -21.86 -7.89 -28.99
C LYS B 43 -23.03 -7.97 -28.00
N ASN B 44 -22.81 -8.74 -26.93
CA ASN B 44 -23.84 -8.87 -25.92
C ASN B 44 -23.70 -7.98 -24.71
N SER B 45 -22.72 -7.10 -24.72
CA SER B 45 -22.47 -6.26 -23.57
C SER B 45 -23.44 -5.08 -23.47
N VAL B 46 -23.52 -4.49 -22.28
CA VAL B 46 -24.38 -3.32 -22.11
C VAL B 46 -23.83 -2.15 -22.95
N LEU B 47 -22.51 -2.07 -23.14
CA LEU B 47 -21.98 -0.96 -23.94
C LEU B 47 -22.49 -1.01 -25.37
N TYR B 48 -22.51 -2.23 -25.90
CA TYR B 48 -22.94 -2.39 -27.28
C TYR B 48 -24.44 -2.09 -27.35
N PHE B 49 -25.16 -2.58 -26.36
CA PHE B 49 -26.61 -2.35 -26.27
C PHE B 49 -26.93 -0.87 -26.18
N ILE B 50 -26.15 -0.10 -25.39
CA ILE B 50 -26.37 1.32 -25.29
C ILE B 50 -26.11 2.03 -26.60
N LEU B 51 -24.96 1.73 -27.20
CA LEU B 51 -24.62 2.37 -28.43
C LEU B 51 -25.66 2.05 -29.53
N SER B 52 -26.21 0.83 -29.53
CA SER B 52 -27.17 0.45 -30.57
C SER B 52 -28.48 1.27 -30.47
N GLN B 53 -28.66 2.00 -29.38
CA GLN B 53 -29.84 2.83 -29.27
C GLN B 53 -29.69 4.10 -30.11
N ARG B 54 -28.48 4.49 -30.42
CA ARG B 54 -28.32 5.74 -31.16
C ARG B 54 -27.59 5.60 -32.51
N TYR B 55 -27.09 4.41 -32.76
CA TYR B 55 -26.32 4.21 -33.98
C TYR B 55 -26.66 2.85 -34.60
N THR B 56 -26.56 2.78 -35.92
CA THR B 56 -26.76 1.49 -36.56
C THR B 56 -25.34 0.93 -36.64
N ILE B 57 -25.06 -0.08 -35.84
CA ILE B 57 -23.70 -0.58 -35.75
C ILE B 57 -23.32 -1.67 -36.69
N THR B 58 -22.07 -1.63 -37.16
CA THR B 58 -21.49 -2.70 -37.98
C THR B 58 -20.19 -3.01 -37.23
N LEU B 59 -20.03 -4.25 -36.81
CA LEU B 59 -18.85 -4.66 -36.07
C LEU B 59 -18.04 -5.59 -36.97
N HIS B 60 -16.74 -5.35 -37.11
CA HIS B 60 -15.91 -6.20 -37.95
C HIS B 60 -14.51 -6.34 -37.44
N GLN B 61 -13.74 -7.21 -38.09
CA GLN B 61 -12.37 -7.48 -37.68
C GLN B 61 -11.37 -7.42 -38.82
N ASN B 62 -11.64 -6.52 -39.76
CA ASN B 62 -10.80 -6.29 -40.92
C ASN B 62 -9.92 -5.04 -40.73
N PRO B 63 -8.61 -5.18 -40.43
CA PRO B 63 -7.77 -3.98 -40.27
C PRO B 63 -7.52 -3.13 -41.54
N ASN B 64 -8.19 -3.47 -42.63
CA ASN B 64 -8.05 -2.73 -43.88
C ASN B 64 -9.19 -1.74 -44.09
N GLU B 65 -10.25 -1.90 -43.32
CA GLU B 65 -11.46 -1.10 -43.42
C GLU B 65 -11.46 0.12 -42.51
N PHE B 66 -11.53 1.32 -43.09
CA PHE B 66 -11.62 2.57 -42.33
C PHE B 66 -12.82 2.48 -41.33
N SER B 67 -12.60 2.72 -40.03
CA SER B 67 -13.70 2.67 -39.09
C SER B 67 -13.80 3.92 -38.26
N ASP B 68 -14.92 4.09 -37.54
CA ASP B 68 -15.10 5.24 -36.67
C ASP B 68 -14.35 5.02 -35.37
N LEU B 69 -14.28 3.77 -34.92
CA LEU B 69 -13.61 3.44 -33.64
C LEU B 69 -13.02 2.03 -33.71
N VAL B 70 -12.00 1.78 -32.92
CA VAL B 70 -11.45 0.45 -32.83
C VAL B 70 -11.35 0.13 -31.37
N PHE B 71 -11.90 -1.00 -30.97
CA PHE B 71 -11.83 -1.44 -29.57
C PHE B 71 -10.72 -2.47 -29.38
N GLY B 72 -9.96 -2.34 -28.31
CA GLY B 72 -8.88 -3.26 -27.98
C GLY B 72 -8.66 -3.42 -26.47
N ASN B 73 -7.60 -4.16 -26.15
CA ASN B 73 -7.09 -4.51 -24.82
C ASN B 73 -5.65 -5.04 -25.19
N PRO B 74 -4.56 -4.39 -24.70
CA PRO B 74 -3.20 -4.86 -25.05
C PRO B 74 -3.03 -6.40 -24.96
N GLN B 85 -2.26 2.13 -36.74
CA GLN B 85 -3.53 2.61 -37.35
C GLN B 85 -3.68 4.08 -36.99
N ASN B 86 -4.65 4.76 -37.60
CA ASN B 86 -4.86 6.14 -37.19
C ASN B 86 -6.27 6.40 -36.81
N ALA B 87 -6.92 5.31 -36.47
CA ALA B 87 -8.27 5.37 -36.03
C ALA B 87 -8.23 5.58 -34.49
N LYS B 88 -9.29 6.12 -33.93
CA LYS B 88 -9.40 6.33 -32.49
C LYS B 88 -9.52 4.96 -31.81
N ARG B 89 -8.62 4.70 -30.87
CA ARG B 89 -8.62 3.42 -30.16
C ARG B 89 -9.24 3.51 -28.78
N VAL B 90 -10.12 2.56 -28.47
CA VAL B 90 -10.78 2.57 -27.18
C VAL B 90 -10.44 1.31 -26.41
N PHE B 91 -9.83 1.49 -25.23
CA PHE B 91 -9.50 0.37 -24.31
C PHE B 91 -10.76 -0.10 -23.53
N TYR B 92 -11.02 -1.41 -23.53
CA TYR B 92 -12.18 -1.95 -22.87
C TYR B 92 -11.83 -3.41 -22.46
N THR B 93 -11.89 -3.72 -21.19
CA THR B 93 -11.51 -5.07 -20.76
C THR B 93 -12.28 -5.41 -19.52
N GLY B 94 -12.33 -6.71 -19.23
CA GLY B 94 -13.04 -7.12 -18.05
C GLY B 94 -12.11 -7.30 -16.87
N GLU B 95 -10.81 -7.36 -17.16
CA GLU B 95 -9.77 -7.58 -16.14
C GLU B 95 -9.52 -6.36 -15.22
N ASN B 96 -8.91 -6.63 -14.09
CA ASN B 96 -8.55 -5.59 -13.13
C ASN B 96 -7.24 -5.04 -13.72
N GLU B 97 -7.32 -4.30 -14.84
CA GLU B 97 -6.14 -3.76 -15.50
C GLU B 97 -6.38 -2.30 -15.83
N SER B 98 -5.54 -1.38 -15.32
CA SER B 98 -5.68 0.06 -15.63
C SER B 98 -5.26 0.31 -17.12
N PRO B 99 -5.88 1.31 -17.77
CA PRO B 99 -5.55 1.60 -19.18
C PRO B 99 -4.14 2.09 -19.48
N ASN B 100 -3.62 1.72 -20.65
CA ASN B 100 -2.34 2.26 -21.13
C ASN B 100 -2.74 3.48 -22.04
N PHE B 101 -2.58 4.72 -21.58
CA PHE B 101 -3.00 5.85 -22.40
C PHE B 101 -2.03 6.22 -23.51
N ASN B 102 -0.90 5.52 -23.57
CA ASN B 102 0.04 5.75 -24.66
C ASN B 102 -0.52 5.00 -25.89
N LEU B 103 -1.09 3.81 -25.68
CA LEU B 103 -1.65 3.00 -26.75
C LEU B 103 -3.12 3.32 -27.11
N PHE B 104 -3.92 3.74 -26.12
CA PHE B 104 -5.34 4.03 -26.38
C PHE B 104 -5.73 5.50 -26.16
N ASP B 105 -6.46 6.05 -27.13
CA ASP B 105 -6.91 7.42 -27.07
C ASP B 105 -7.96 7.63 -25.99
N TYR B 106 -8.81 6.60 -25.85
CA TYR B 106 -9.92 6.58 -24.87
C TYR B 106 -9.94 5.25 -24.10
N ALA B 107 -10.61 5.25 -22.95
CA ALA B 107 -10.69 4.04 -22.15
C ALA B 107 -11.94 4.06 -21.32
N ILE B 108 -12.50 2.85 -21.12
CA ILE B 108 -13.67 2.62 -20.29
C ILE B 108 -13.16 1.67 -19.23
N GLY B 109 -13.18 2.05 -17.96
CA GLY B 109 -12.64 1.14 -16.95
C GLY B 109 -13.32 1.15 -15.59
N PHE B 110 -12.59 0.70 -14.57
CA PHE B 110 -13.13 0.72 -13.22
C PHE B 110 -12.37 1.75 -12.35
N ASP B 111 -11.18 2.15 -12.78
CA ASP B 111 -10.37 3.08 -11.93
C ASP B 111 -11.05 4.38 -11.52
N GLU B 112 -10.72 4.87 -10.34
CA GLU B 112 -11.26 6.14 -9.84
C GLU B 112 -10.31 7.23 -10.34
N LEU B 113 -10.45 7.49 -11.60
CA LEU B 113 -9.58 8.43 -12.26
C LEU B 113 -10.34 9.41 -13.08
N ASP B 114 -9.79 10.62 -13.17
CA ASP B 114 -10.45 11.63 -14.03
C ASP B 114 -9.43 12.12 -15.06
N PHE B 115 -9.68 11.82 -16.34
CA PHE B 115 -8.75 12.22 -17.41
C PHE B 115 -9.58 12.98 -18.46
N ASN B 116 -10.45 13.86 -17.96
CA ASN B 116 -11.35 14.65 -18.80
C ASN B 116 -12.12 13.80 -19.84
N ASP B 117 -12.03 14.09 -21.14
CA ASP B 117 -12.80 13.29 -22.10
C ASP B 117 -12.16 11.94 -22.49
N ARG B 118 -10.97 11.67 -21.98
CA ARG B 118 -10.30 10.42 -22.37
C ARG B 118 -10.65 9.14 -21.58
N TYR B 119 -11.34 9.33 -20.44
CA TYR B 119 -11.68 8.21 -19.57
C TYR B 119 -13.09 8.19 -19.02
N LEU B 120 -13.69 7.00 -19.01
CA LEU B 120 -15.06 6.81 -18.51
C LEU B 120 -15.09 5.61 -17.54
N ARG B 121 -15.63 5.81 -16.35
CA ARG B 121 -15.76 4.70 -15.41
C ARG B 121 -17.08 3.98 -15.66
N MET B 122 -17.00 2.69 -16.03
CA MET B 122 -18.21 1.86 -16.21
C MET B 122 -17.86 0.42 -15.71
N PRO B 123 -18.00 0.19 -14.39
CA PRO B 123 -17.70 -1.12 -13.76
C PRO B 123 -18.58 -2.21 -14.34
N LEU B 124 -18.09 -3.44 -14.24
CA LEU B 124 -18.78 -4.58 -14.75
C LEU B 124 -20.11 -4.81 -14.06
N TYR B 125 -20.30 -4.28 -12.85
CA TYR B 125 -21.60 -4.50 -12.26
C TYR B 125 -22.73 -3.89 -13.10
N TYR B 126 -22.42 -2.87 -13.89
CA TYR B 126 -23.47 -2.17 -14.66
C TYR B 126 -23.88 -3.09 -15.82
N ASP B 127 -22.89 -3.78 -16.37
CA ASP B 127 -23.16 -4.74 -17.44
C ASP B 127 -23.95 -5.93 -16.83
N ARG B 128 -23.68 -6.31 -15.59
CA ARG B 128 -24.42 -7.44 -15.02
C ARG B 128 -25.92 -6.98 -14.77
N LEU B 129 -26.11 -5.75 -14.37
CA LEU B 129 -27.48 -5.25 -14.21
C LEU B 129 -28.26 -5.31 -15.54
N HIS B 130 -27.60 -4.94 -16.65
CA HIS B 130 -28.23 -4.99 -17.97
C HIS B 130 -28.76 -6.41 -18.23
N HIS B 131 -27.92 -7.40 -17.94
CA HIS B 131 -28.32 -8.77 -18.18
C HIS B 131 -29.45 -9.24 -17.29
N LYS B 132 -29.40 -8.85 -16.01
CA LYS B 132 -30.46 -9.27 -15.11
C LYS B 132 -31.78 -8.63 -15.57
N ALA B 133 -31.72 -7.37 -15.98
CA ALA B 133 -32.93 -6.67 -16.43
C ALA B 133 -33.58 -7.40 -17.59
N GLU B 134 -32.79 -7.86 -18.55
CA GLU B 134 -33.37 -8.60 -19.66
C GLU B 134 -34.00 -9.90 -19.20
N SER B 135 -33.31 -10.63 -18.33
CA SER B 135 -33.79 -11.93 -17.83
C SER B 135 -35.11 -11.81 -17.04
N VAL B 136 -35.43 -10.62 -16.58
CA VAL B 136 -36.62 -10.41 -15.82
C VAL B 136 -37.79 -9.86 -16.66
N ASN B 137 -37.57 -9.70 -17.96
CA ASN B 137 -38.64 -9.27 -18.88
C ASN B 137 -39.28 -10.63 -19.17
N ASP B 138 -40.09 -11.09 -18.23
CA ASP B 138 -40.64 -12.43 -18.26
C ASP B 138 -41.86 -12.45 -17.37
N THR B 139 -42.96 -12.90 -17.94
CA THR B 139 -44.24 -12.97 -17.24
C THR B 139 -44.25 -13.80 -15.95
N THR B 140 -43.21 -14.59 -15.68
CA THR B 140 -43.18 -15.38 -14.45
C THR B 140 -42.13 -14.85 -13.49
N ALA B 141 -41.61 -13.67 -13.81
CA ALA B 141 -40.57 -13.09 -12.98
C ALA B 141 -41.06 -12.35 -11.72
N PRO B 142 -40.27 -12.48 -10.63
CA PRO B 142 -40.44 -11.92 -9.28
C PRO B 142 -40.07 -10.44 -9.19
N TYR B 143 -39.40 -9.93 -10.21
CA TYR B 143 -39.01 -8.53 -10.23
C TYR B 143 -39.72 -7.79 -11.37
N LYS B 144 -40.24 -6.60 -11.08
CA LYS B 144 -40.92 -5.81 -12.11
C LYS B 144 -40.12 -4.70 -12.80
N LEU B 145 -40.39 -4.57 -14.09
CA LEU B 145 -39.84 -3.57 -14.98
C LEU B 145 -40.96 -2.59 -15.32
N LYS B 146 -40.75 -1.30 -15.13
CA LYS B 146 -41.78 -0.32 -15.45
C LYS B 146 -42.33 -0.56 -16.89
N ASP B 147 -43.65 -0.41 -17.02
CA ASP B 147 -44.31 -0.56 -18.31
C ASP B 147 -43.74 0.53 -19.22
N ASN B 148 -43.50 0.22 -20.50
CA ASN B 148 -42.97 1.25 -21.41
C ASN B 148 -41.51 1.65 -21.18
N SER B 149 -40.75 0.81 -20.52
CA SER B 149 -39.37 1.18 -20.36
C SER B 149 -38.68 0.41 -21.47
N LEU B 150 -37.46 0.79 -21.79
CA LEU B 150 -36.70 0.12 -22.82
C LEU B 150 -36.71 -1.42 -22.68
N TYR B 151 -36.40 -1.92 -21.49
CA TYR B 151 -36.35 -3.37 -21.28
C TYR B 151 -37.66 -4.15 -21.33
N ALA B 152 -38.79 -3.45 -21.41
CA ALA B 152 -40.11 -4.08 -21.45
C ALA B 152 -40.68 -4.10 -22.87
N LEU B 153 -40.02 -3.37 -23.77
CA LEU B 153 -40.44 -3.28 -25.16
C LEU B 153 -40.42 -4.62 -25.89
N LYS B 154 -39.43 -5.46 -25.62
CA LYS B 154 -39.37 -6.75 -26.28
C LYS B 154 -40.45 -7.73 -25.72
N LYS B 155 -40.83 -8.73 -26.51
CA LYS B 155 -41.82 -9.71 -26.06
C LYS B 155 -41.13 -10.49 -24.93
N PRO B 156 -41.85 -10.75 -23.84
CA PRO B 156 -41.23 -11.48 -22.73
C PRO B 156 -41.12 -13.01 -22.77
N SER B 157 -40.44 -13.54 -21.77
CA SER B 157 -40.26 -14.97 -21.60
C SER B 157 -41.32 -15.41 -20.60
N HIS B 158 -41.44 -16.71 -20.38
CA HIS B 158 -42.45 -17.23 -19.46
C HIS B 158 -41.83 -18.26 -18.57
N CYS B 159 -40.49 -18.36 -18.64
CA CYS B 159 -39.74 -19.35 -17.90
C CYS B 159 -39.03 -18.97 -16.60
N PHE B 160 -39.08 -17.73 -16.16
CA PHE B 160 -38.31 -17.45 -14.97
C PHE B 160 -38.62 -18.31 -13.74
N LYS B 161 -39.87 -18.36 -13.28
CA LYS B 161 -40.22 -19.19 -12.12
C LYS B 161 -39.69 -20.62 -12.27
N GLU B 162 -39.94 -21.23 -13.42
CA GLU B 162 -39.49 -22.59 -13.65
C GLU B 162 -38.02 -22.80 -13.36
N LYS B 163 -37.19 -21.84 -13.75
CA LYS B 163 -35.76 -21.98 -13.49
C LYS B 163 -35.34 -21.49 -12.11
N HIS B 164 -36.17 -20.70 -11.44
CA HIS B 164 -35.82 -20.19 -10.11
C HIS B 164 -37.03 -20.20 -9.14
N PRO B 165 -37.52 -21.41 -8.78
CA PRO B 165 -38.67 -21.49 -7.87
C PRO B 165 -38.47 -20.86 -6.51
N ASN B 166 -37.38 -21.24 -5.86
CA ASN B 166 -37.02 -20.75 -4.51
C ASN B 166 -36.85 -19.22 -4.47
N LEU B 167 -36.16 -18.68 -5.47
CA LEU B 167 -35.94 -17.23 -5.56
C LEU B 167 -37.28 -16.49 -5.66
N CYS B 168 -38.18 -16.99 -6.50
CA CYS B 168 -39.48 -16.36 -6.62
C CYS B 168 -40.25 -16.55 -5.32
N ALA B 169 -40.08 -17.68 -4.67
CA ALA B 169 -40.81 -17.91 -3.42
C ALA B 169 -40.45 -16.86 -2.37
N VAL B 170 -39.15 -16.70 -2.14
CA VAL B 170 -38.68 -15.73 -1.13
C VAL B 170 -39.01 -14.31 -1.55
N VAL B 171 -38.71 -13.95 -2.78
CA VAL B 171 -39.00 -12.58 -3.17
C VAL B 171 -40.51 -12.35 -3.19
N ASN B 172 -41.26 -13.40 -3.52
CA ASN B 172 -42.71 -13.33 -3.56
C ASN B 172 -43.36 -13.49 -2.18
N ASP B 173 -42.53 -13.47 -1.13
CA ASP B 173 -42.96 -13.61 0.26
C ASP B 173 -43.63 -14.96 0.63
N GLU B 174 -43.49 -15.96 -0.25
CA GLU B 174 -44.07 -17.28 -0.03
C GLU B 174 -43.10 -18.16 0.76
N SER B 175 -42.08 -17.51 1.32
CA SER B 175 -41.09 -18.21 2.11
C SER B 175 -40.50 -17.22 3.09
N ASP B 176 -39.72 -17.71 4.04
CA ASP B 176 -39.14 -16.80 5.02
C ASP B 176 -37.62 -16.71 4.86
N PRO B 177 -37.11 -15.47 4.65
CA PRO B 177 -35.67 -15.22 4.46
C PRO B 177 -34.83 -15.86 5.57
N LEU B 178 -35.26 -15.70 6.82
CA LEU B 178 -34.53 -16.31 7.92
C LEU B 178 -34.51 -17.81 7.80
N LYS B 179 -35.56 -18.39 7.23
CA LYS B 179 -35.64 -19.84 7.11
C LYS B 179 -34.83 -20.45 5.98
N ARG B 180 -33.52 -20.23 5.99
CA ARG B 180 -32.68 -20.76 4.92
C ARG B 180 -31.28 -21.17 5.40
N GLY B 181 -30.50 -21.71 4.46
CA GLY B 181 -29.12 -22.09 4.73
C GLY B 181 -28.25 -20.89 5.16
N PHE B 182 -27.00 -21.16 5.50
CA PHE B 182 -26.15 -20.09 6.01
C PHE B 182 -25.53 -19.12 5.00
N ALA B 183 -24.65 -19.66 4.18
CA ALA B 183 -23.88 -18.84 3.26
C ALA B 183 -23.41 -19.67 2.08
N SER B 184 -23.58 -19.12 0.89
CA SER B 184 -23.16 -19.79 -0.32
C SER B 184 -21.81 -19.27 -0.84
N PHE B 185 -21.13 -20.08 -1.62
CA PHE B 185 -19.86 -19.69 -2.19
C PHE B 185 -19.71 -20.39 -3.53
N VAL B 186 -19.74 -19.61 -4.61
CA VAL B 186 -19.59 -20.11 -5.98
C VAL B 186 -18.37 -19.50 -6.67
N ALA B 187 -17.31 -20.30 -6.74
CA ALA B 187 -16.06 -19.88 -7.37
C ALA B 187 -15.43 -21.02 -8.12
N SER B 188 -14.75 -20.69 -9.21
CA SER B 188 -14.09 -21.70 -9.99
C SER B 188 -12.63 -21.31 -10.25
N ASN B 189 -12.19 -20.18 -9.72
CA ASN B 189 -10.80 -19.76 -9.91
C ASN B 189 -10.05 -20.01 -8.59
N PRO B 190 -8.88 -20.70 -8.68
CA PRO B 190 -8.04 -21.02 -7.50
C PRO B 190 -6.92 -20.02 -7.25
N ASN B 191 -6.60 -19.22 -8.27
CA ASN B 191 -5.54 -18.20 -8.15
C ASN B 191 -6.16 -17.00 -7.42
N ALA B 192 -6.53 -17.22 -6.14
CA ALA B 192 -7.16 -16.21 -5.27
C ALA B 192 -6.96 -16.60 -3.78
N PRO B 193 -5.74 -16.50 -3.28
CA PRO B 193 -5.39 -16.83 -1.90
C PRO B 193 -6.21 -16.16 -0.76
N ILE B 194 -6.45 -14.86 -0.86
CA ILE B 194 -7.17 -14.14 0.18
C ILE B 194 -8.61 -14.65 0.28
N ARG B 195 -9.23 -14.90 -0.86
CA ARG B 195 -10.61 -15.44 -0.90
C ARG B 195 -10.65 -16.84 -0.23
N ASN B 196 -9.64 -17.65 -0.46
CA ASN B 196 -9.61 -18.97 0.17
C ASN B 196 -9.49 -18.86 1.67
N ALA B 197 -8.55 -18.02 2.14
CA ALA B 197 -8.34 -17.86 3.56
C ALA B 197 -9.58 -17.34 4.23
N PHE B 198 -10.29 -16.43 3.56
CA PHE B 198 -11.49 -15.93 4.23
C PHE B 198 -12.56 -17.06 4.30
N TYR B 199 -12.65 -17.85 3.24
CA TYR B 199 -13.59 -18.96 3.17
C TYR B 199 -13.34 -19.95 4.35
N ASP B 200 -12.11 -20.45 4.46
CA ASP B 200 -11.75 -21.37 5.53
C ASP B 200 -12.07 -20.69 6.87
N ALA B 201 -11.92 -19.37 6.95
CA ALA B 201 -12.24 -18.75 8.22
C ALA B 201 -13.74 -18.68 8.46
N LEU B 202 -14.52 -18.38 7.43
CA LEU B 202 -15.98 -18.26 7.60
C LEU B 202 -16.62 -19.62 7.79
N ASN B 203 -15.99 -20.63 7.19
CA ASN B 203 -16.48 -22.00 7.26
C ASN B 203 -16.56 -22.43 8.73
N SER B 204 -16.16 -21.54 9.64
CA SER B 204 -16.18 -21.85 11.08
C SER B 204 -17.53 -21.60 11.73
N ILE B 205 -18.15 -20.46 11.46
CA ILE B 205 -19.46 -20.14 12.06
C ILE B 205 -20.44 -21.29 11.84
N GLU B 206 -20.38 -21.83 10.63
CA GLU B 206 -21.23 -22.93 10.23
C GLU B 206 -20.58 -23.41 8.94
N PRO B 207 -21.10 -24.47 8.36
CA PRO B 207 -20.39 -24.84 7.13
C PRO B 207 -20.84 -23.91 5.99
N VAL B 208 -19.91 -23.62 5.08
CA VAL B 208 -20.19 -22.74 3.95
C VAL B 208 -20.35 -23.62 2.70
N THR B 209 -21.58 -23.71 2.17
CA THR B 209 -21.90 -24.55 1.01
C THR B 209 -21.25 -24.06 -0.25
N GLY B 210 -20.48 -24.92 -0.91
CA GLY B 210 -19.80 -24.53 -2.11
C GLY B 210 -20.33 -25.14 -3.39
N GLY B 211 -20.93 -24.30 -4.24
CA GLY B 211 -21.51 -24.75 -5.50
C GLY B 211 -20.67 -24.71 -6.77
N GLY B 212 -19.45 -24.21 -6.68
CA GLY B 212 -18.58 -24.15 -7.84
C GLY B 212 -17.40 -25.09 -7.69
N SER B 213 -16.47 -25.07 -8.65
CA SER B 213 -15.30 -25.93 -8.58
C SER B 213 -14.64 -25.76 -7.22
N VAL B 214 -13.96 -24.64 -7.06
CA VAL B 214 -13.26 -24.28 -5.84
C VAL B 214 -14.03 -24.60 -4.58
N ARG B 215 -13.39 -25.37 -3.70
CA ARG B 215 -13.97 -25.79 -2.43
C ARG B 215 -15.41 -26.25 -2.57
N ASN B 216 -15.63 -27.14 -3.52
CA ASN B 216 -16.97 -27.68 -3.76
C ASN B 216 -17.49 -28.61 -2.68
N THR B 217 -18.69 -28.32 -2.21
CA THR B 217 -19.36 -29.06 -1.15
C THR B 217 -20.26 -30.22 -1.60
N LEU B 218 -21.35 -29.88 -2.28
CA LEU B 218 -22.35 -30.87 -2.74
C LEU B 218 -21.99 -31.87 -3.85
N GLY B 219 -20.72 -32.20 -4.02
CA GLY B 219 -20.31 -33.17 -5.01
C GLY B 219 -20.49 -32.84 -6.48
N TYR B 220 -21.10 -31.70 -6.78
CA TYR B 220 -21.31 -31.27 -8.16
C TYR B 220 -21.37 -29.74 -8.23
N ASN B 221 -21.38 -29.19 -9.46
CA ASN B 221 -21.47 -27.73 -9.70
C ASN B 221 -22.91 -27.31 -10.02
N VAL B 222 -23.38 -26.22 -9.43
CA VAL B 222 -24.77 -25.80 -9.68
C VAL B 222 -24.97 -25.23 -11.11
N LYS B 223 -26.16 -25.47 -11.64
CA LYS B 223 -26.53 -25.02 -12.98
C LYS B 223 -26.95 -23.56 -12.97
N ASN B 224 -27.78 -23.17 -12.01
CA ASN B 224 -28.21 -21.78 -11.91
C ASN B 224 -27.68 -21.16 -10.62
N LYS B 225 -26.68 -20.29 -10.81
CA LYS B 225 -26.00 -19.58 -9.72
C LYS B 225 -27.01 -18.80 -8.89
N ASN B 226 -27.92 -18.10 -9.54
CA ASN B 226 -28.88 -17.31 -8.79
C ASN B 226 -29.91 -18.12 -7.98
N GLU B 227 -30.47 -19.19 -8.54
CA GLU B 227 -31.45 -20.00 -7.78
C GLU B 227 -30.73 -20.52 -6.53
N PHE B 228 -29.56 -21.09 -6.76
CA PHE B 228 -28.73 -21.58 -5.67
C PHE B 228 -28.50 -20.51 -4.59
N LEU B 229 -27.97 -19.34 -4.97
CA LEU B 229 -27.72 -18.31 -3.97
C LEU B 229 -28.97 -17.88 -3.19
N SER B 230 -30.15 -17.98 -3.80
CA SER B 230 -31.39 -17.56 -3.13
C SER B 230 -31.75 -18.50 -1.96
N GLN B 231 -31.05 -19.62 -1.86
CA GLN B 231 -31.26 -20.58 -0.78
C GLN B 231 -30.48 -20.27 0.52
N TYR B 232 -29.61 -19.25 0.53
CA TYR B 232 -28.81 -18.97 1.75
C TYR B 232 -28.98 -17.55 2.27
N LYS B 233 -28.63 -17.32 3.56
CA LYS B 233 -28.85 -15.98 4.12
C LYS B 233 -27.77 -15.00 3.61
N PHE B 234 -26.58 -15.51 3.31
CA PHE B 234 -25.44 -14.70 2.80
C PHE B 234 -24.77 -15.40 1.61
N ASN B 235 -24.04 -14.61 0.80
CA ASN B 235 -23.25 -15.14 -0.32
C ASN B 235 -21.81 -14.59 -0.10
N LEU B 236 -20.82 -15.48 -0.20
CA LEU B 236 -19.41 -15.10 0.01
C LEU B 236 -19.07 -14.51 -1.32
N CYS B 237 -18.94 -13.20 -1.32
CA CYS B 237 -18.76 -12.45 -2.54
C CYS B 237 -17.35 -11.78 -2.73
N PHE B 238 -16.28 -12.55 -2.92
CA PHE B 238 -14.94 -11.97 -3.07
C PHE B 238 -14.48 -11.76 -4.52
N GLU B 239 -13.95 -10.58 -4.83
CA GLU B 239 -13.43 -10.37 -6.20
C GLU B 239 -12.15 -11.19 -6.20
N ASN B 240 -11.60 -11.47 -7.36
CA ASN B 240 -10.37 -12.28 -7.43
C ASN B 240 -9.10 -11.51 -7.03
N THR B 241 -9.17 -10.19 -7.10
CA THR B 241 -8.04 -9.33 -6.70
C THR B 241 -8.61 -7.97 -6.26
N GLN B 242 -7.83 -7.20 -5.52
CA GLN B 242 -8.17 -5.88 -5.05
C GLN B 242 -7.77 -4.82 -6.06
N GLY B 243 -8.72 -3.94 -6.35
CA GLY B 243 -8.47 -2.80 -7.22
C GLY B 243 -9.41 -1.69 -6.72
N TYR B 244 -8.95 -0.44 -6.59
CA TYR B 244 -9.89 0.60 -6.13
C TYR B 244 -10.84 0.87 -7.27
N GLY B 245 -12.12 0.51 -7.06
CA GLY B 245 -13.17 0.77 -8.06
C GLY B 245 -13.53 -0.53 -8.81
N TYR B 246 -12.76 -1.59 -8.59
CA TYR B 246 -12.96 -2.85 -9.32
C TYR B 246 -14.11 -3.67 -8.68
N VAL B 247 -15.35 -3.34 -9.03
CA VAL B 247 -16.50 -4.00 -8.44
C VAL B 247 -17.14 -4.69 -9.61
N THR B 248 -17.16 -6.01 -9.56
CA THR B 248 -17.69 -6.74 -10.70
C THR B 248 -19.17 -7.19 -10.58
N GLU B 249 -19.51 -8.22 -11.35
CA GLU B 249 -20.85 -8.76 -11.39
C GLU B 249 -21.24 -9.47 -10.12
N LYS B 250 -20.25 -9.90 -9.33
CA LYS B 250 -20.48 -10.72 -8.13
C LYS B 250 -21.44 -10.16 -7.11
N ILE B 251 -21.28 -8.88 -6.74
CA ILE B 251 -22.16 -8.35 -5.76
C ILE B 251 -23.57 -8.21 -6.35
N ILE B 252 -23.70 -8.02 -7.66
CA ILE B 252 -25.05 -7.91 -8.21
C ILE B 252 -25.77 -9.28 -8.12
N ASP B 253 -25.02 -10.38 -8.28
CA ASP B 253 -25.65 -11.69 -8.17
C ASP B 253 -26.21 -11.87 -6.74
N ALA B 254 -25.48 -11.41 -5.73
CA ALA B 254 -26.00 -11.50 -4.36
C ALA B 254 -27.31 -10.70 -4.20
N TYR B 255 -27.30 -9.43 -4.61
CA TYR B 255 -28.55 -8.67 -4.48
C TYR B 255 -29.67 -9.31 -5.27
N PHE B 256 -29.37 -9.80 -6.46
CA PHE B 256 -30.42 -10.37 -7.31
C PHE B 256 -31.03 -11.65 -6.70
N SER B 257 -30.19 -12.40 -6.00
CA SER B 257 -30.65 -13.61 -5.41
C SER B 257 -31.20 -13.40 -4.01
N HIS B 258 -31.42 -12.14 -3.60
CA HIS B 258 -32.04 -11.85 -2.29
C HIS B 258 -31.26 -12.47 -1.12
N THR B 259 -29.95 -12.30 -1.17
CA THR B 259 -29.05 -12.82 -0.17
C THR B 259 -28.07 -11.68 0.20
N ILE B 260 -27.56 -11.72 1.43
CA ILE B 260 -26.62 -10.70 1.91
C ILE B 260 -25.21 -10.94 1.35
N PRO B 261 -24.66 -9.93 0.66
CA PRO B 261 -23.30 -10.12 0.10
C PRO B 261 -22.27 -9.99 1.21
N ILE B 262 -21.28 -10.88 1.24
CA ILE B 262 -20.20 -10.64 2.20
C ILE B 262 -19.14 -10.26 1.14
N TYR B 263 -18.80 -8.98 1.09
CA TYR B 263 -17.89 -8.45 0.06
C TYR B 263 -16.42 -8.10 0.37
N TRP B 264 -15.58 -8.37 -0.61
CA TRP B 264 -14.15 -7.97 -0.57
C TRP B 264 -13.68 -7.77 -2.01
N GLY B 265 -12.88 -6.73 -2.26
CA GLY B 265 -12.37 -6.52 -3.60
C GLY B 265 -11.99 -5.04 -3.69
N SER B 266 -12.97 -4.24 -4.04
CA SER B 266 -12.69 -2.79 -4.10
C SER B 266 -12.82 -2.18 -2.71
N PRO B 267 -11.75 -1.55 -2.18
CA PRO B 267 -11.95 -0.98 -0.83
C PRO B 267 -12.84 0.25 -0.78
N SER B 268 -13.16 0.80 -1.95
CA SER B 268 -14.02 2.00 -2.05
C SER B 268 -15.44 1.49 -2.52
N VAL B 269 -15.74 0.20 -2.36
CA VAL B 269 -17.07 -0.30 -2.80
C VAL B 269 -18.28 0.52 -2.15
N ALA B 270 -18.10 1.08 -0.94
CA ALA B 270 -19.19 1.88 -0.32
C ALA B 270 -19.57 3.09 -1.16
N LYS B 271 -18.72 3.50 -2.08
CA LYS B 271 -19.13 4.64 -2.95
C LYS B 271 -20.22 4.16 -3.94
N ASP B 272 -20.05 2.94 -4.46
CA ASP B 272 -20.99 2.33 -5.40
C ASP B 272 -22.26 1.75 -4.77
N PHE B 273 -22.14 1.17 -3.59
CA PHE B 273 -23.28 0.51 -2.94
C PHE B 273 -23.48 0.89 -1.47
N ASN B 274 -24.74 0.90 -1.07
CA ASN B 274 -25.13 1.32 0.30
C ASN B 274 -24.50 0.36 1.30
N PRO B 275 -23.58 0.87 2.08
CA PRO B 275 -22.90 0.02 3.07
C PRO B 275 -23.83 -0.69 4.12
N LYS B 276 -25.05 -0.18 4.37
CA LYS B 276 -25.98 -0.80 5.32
C LYS B 276 -26.64 -2.01 4.66
N SER B 277 -26.40 -2.18 3.35
CA SER B 277 -26.97 -3.29 2.59
C SER B 277 -26.09 -4.49 2.42
N PHE B 278 -24.85 -4.43 2.91
CA PHE B 278 -23.99 -5.62 2.78
C PHE B 278 -22.88 -5.62 3.84
N VAL B 279 -22.16 -6.74 3.94
CA VAL B 279 -21.04 -6.84 4.88
C VAL B 279 -19.78 -6.44 4.06
N ASN B 280 -19.14 -5.36 4.45
CA ASN B 280 -17.94 -4.89 3.74
C ASN B 280 -16.71 -5.35 4.50
N VAL B 281 -16.11 -6.41 4.02
CA VAL B 281 -14.96 -6.91 4.75
C VAL B 281 -13.88 -5.84 4.90
N HIS B 282 -13.76 -4.92 3.93
CA HIS B 282 -12.75 -3.84 4.06
C HIS B 282 -12.91 -2.94 5.30
N ASP B 283 -14.10 -2.90 5.90
CA ASP B 283 -14.20 -2.05 7.07
C ASP B 283 -13.57 -2.60 8.35
N PHE B 284 -13.00 -3.78 8.31
CA PHE B 284 -12.46 -4.40 9.52
C PHE B 284 -10.92 -4.50 9.47
N LYS B 285 -10.28 -4.41 10.63
CA LYS B 285 -8.83 -4.49 10.60
C LYS B 285 -8.31 -5.89 10.35
N ASN B 286 -9.18 -6.88 10.49
CA ASN B 286 -8.77 -8.23 10.22
C ASN B 286 -9.98 -9.12 9.92
N PHE B 287 -9.74 -10.26 9.31
CA PHE B 287 -10.86 -11.12 8.99
C PHE B 287 -11.65 -11.54 10.21
N ASP B 288 -10.95 -11.86 11.30
CA ASP B 288 -11.63 -12.32 12.49
C ASP B 288 -12.73 -11.34 12.88
N GLU B 289 -12.42 -10.06 12.89
CA GLU B 289 -13.44 -9.09 13.24
C GLU B 289 -14.67 -9.05 12.29
N ALA B 290 -14.42 -9.25 11.00
CA ALA B 290 -15.49 -9.22 10.00
C ALA B 290 -16.41 -10.43 10.30
N ILE B 291 -15.79 -11.59 10.48
CA ILE B 291 -16.55 -12.78 10.79
C ILE B 291 -17.41 -12.56 12.06
N ASP B 292 -16.85 -11.95 13.10
CA ASP B 292 -17.66 -11.69 14.30
C ASP B 292 -18.94 -10.92 13.94
N TYR B 293 -18.81 -10.01 12.99
CA TYR B 293 -19.95 -9.23 12.62
C TYR B 293 -20.95 -10.11 11.89
N ILE B 294 -20.45 -10.98 11.03
CA ILE B 294 -21.30 -11.86 10.26
C ILE B 294 -22.10 -12.74 11.28
N LYS B 295 -21.39 -13.32 12.25
CA LYS B 295 -22.02 -14.16 13.29
C LYS B 295 -23.20 -13.41 13.87
N TYR B 296 -22.96 -12.15 14.22
CA TYR B 296 -24.01 -11.31 14.77
C TYR B 296 -25.21 -11.17 13.86
N LEU B 297 -24.98 -10.85 12.59
CA LEU B 297 -26.11 -10.71 11.68
C LEU B 297 -26.91 -12.02 11.57
N HIS B 298 -26.20 -13.13 11.64
CA HIS B 298 -26.79 -14.42 11.49
C HIS B 298 -27.66 -14.84 12.66
N THR B 299 -27.43 -14.19 13.80
CA THR B 299 -28.17 -14.50 15.03
C THR B 299 -28.98 -13.33 15.57
N HIS B 300 -29.17 -12.29 14.77
CA HIS B 300 -29.98 -11.18 15.22
C HIS B 300 -30.91 -10.85 14.07
N LYS B 301 -32.03 -11.57 14.05
CA LYS B 301 -32.98 -11.44 12.99
C LYS B 301 -33.35 -10.02 12.63
N ASN B 302 -33.54 -9.14 13.59
CA ASN B 302 -33.88 -7.78 13.22
C ASN B 302 -32.75 -7.08 12.39
N ALA B 303 -31.50 -7.28 12.80
CA ALA B 303 -30.34 -6.71 12.11
C ALA B 303 -30.12 -7.39 10.75
N TYR B 304 -30.39 -8.69 10.66
CA TYR B 304 -30.21 -9.37 9.41
C TYR B 304 -31.25 -8.87 8.43
N LEU B 305 -32.51 -8.82 8.85
CA LEU B 305 -33.57 -8.36 7.97
C LEU B 305 -33.37 -6.92 7.53
N ASP B 306 -32.98 -6.07 8.47
CA ASP B 306 -32.74 -4.67 8.18
C ASP B 306 -31.75 -4.61 7.00
N MET B 307 -30.69 -5.40 7.06
CA MET B 307 -29.67 -5.37 5.99
C MET B 307 -30.21 -5.90 4.69
N LEU B 308 -31.01 -6.94 4.77
CA LEU B 308 -31.56 -7.52 3.57
C LEU B 308 -32.60 -6.64 2.91
N TYR B 309 -33.19 -5.73 3.68
CA TYR B 309 -34.22 -4.84 3.14
C TYR B 309 -33.74 -3.46 2.81
N GLU B 310 -32.45 -3.21 3.00
CA GLU B 310 -31.93 -1.89 2.66
C GLU B 310 -31.89 -1.77 1.14
N ASN B 311 -31.88 -0.54 0.65
CA ASN B 311 -31.75 -0.33 -0.77
C ASN B 311 -30.23 -0.67 -1.10
N PRO B 312 -29.95 -1.43 -2.18
CA PRO B 312 -28.54 -1.72 -2.46
C PRO B 312 -27.75 -0.44 -2.80
N LEU B 313 -28.46 0.61 -3.21
CA LEU B 313 -27.80 1.83 -3.62
C LEU B 313 -27.88 2.90 -2.57
N ASN B 314 -26.91 3.80 -2.60
CA ASN B 314 -26.91 4.93 -1.70
C ASN B 314 -28.01 5.86 -2.19
N THR B 315 -28.44 6.72 -1.28
CA THR B 315 -29.51 7.67 -1.63
C THR B 315 -29.13 9.07 -1.23
N LEU B 316 -29.43 10.04 -2.09
CA LEU B 316 -29.12 11.44 -1.80
C LEU B 316 -30.28 12.30 -2.37
N ASP B 317 -30.74 13.34 -1.65
CA ASP B 317 -31.82 14.20 -2.12
C ASP B 317 -33.07 13.43 -2.55
N GLY B 318 -33.43 12.42 -1.75
CA GLY B 318 -34.61 11.60 -2.02
C GLY B 318 -34.51 10.61 -3.16
N LYS B 319 -33.33 10.44 -3.75
CA LYS B 319 -33.22 9.50 -4.89
C LYS B 319 -32.01 8.55 -4.76
N ALA B 320 -32.25 7.29 -5.03
CA ALA B 320 -31.21 6.25 -5.04
C ALA B 320 -30.36 6.69 -6.25
N TYR B 321 -29.04 6.49 -6.19
CA TYR B 321 -28.18 6.91 -7.33
C TYR B 321 -27.01 5.94 -7.58
N PHE B 322 -26.50 5.95 -8.81
CA PHE B 322 -25.29 5.15 -9.14
C PHE B 322 -24.17 6.15 -8.96
N TYR B 323 -23.09 5.71 -8.32
CA TYR B 323 -21.97 6.59 -8.10
C TYR B 323 -21.56 7.31 -9.38
N GLN B 324 -21.43 8.63 -9.24
CA GLN B 324 -21.02 9.55 -10.30
C GLN B 324 -22.01 9.55 -11.46
N ASN B 325 -23.25 9.29 -11.13
CA ASN B 325 -24.32 9.31 -12.10
C ASN B 325 -24.10 8.47 -13.36
N LEU B 326 -23.52 7.28 -13.19
CA LEU B 326 -23.35 6.33 -14.31
C LEU B 326 -24.74 6.09 -14.92
N SER B 327 -24.86 6.23 -16.25
CA SER B 327 -26.15 6.03 -16.92
C SER B 327 -25.97 5.91 -18.42
N PHE B 328 -27.04 5.55 -19.11
CA PHE B 328 -26.94 5.48 -20.58
C PHE B 328 -26.55 6.85 -21.13
N LYS B 329 -27.15 7.92 -20.57
CA LYS B 329 -26.80 9.23 -21.09
C LYS B 329 -25.31 9.56 -20.91
N LYS B 330 -24.74 9.16 -19.79
CA LYS B 330 -23.32 9.47 -19.52
C LYS B 330 -22.45 8.76 -20.57
N ILE B 331 -22.76 7.49 -20.79
CA ILE B 331 -22.02 6.64 -21.77
C ILE B 331 -22.22 7.20 -23.19
N LEU B 332 -23.46 7.48 -23.62
CA LEU B 332 -23.70 8.08 -24.95
C LEU B 332 -22.95 9.43 -25.13
N ALA B 333 -22.94 10.29 -24.09
CA ALA B 333 -22.22 11.59 -24.23
C ALA B 333 -20.74 11.34 -24.40
N PHE B 334 -20.21 10.37 -23.67
CA PHE B 334 -18.77 10.06 -23.79
C PHE B 334 -18.41 9.68 -25.23
N PHE B 335 -19.19 8.78 -25.83
CA PHE B 335 -18.93 8.37 -27.19
C PHE B 335 -19.25 9.47 -28.21
N LYS B 336 -20.26 10.31 -27.93
CA LYS B 336 -20.54 11.41 -28.85
C LYS B 336 -19.31 12.31 -28.90
N THR B 337 -18.74 12.59 -27.72
CA THR B 337 -17.53 13.40 -27.65
C THR B 337 -16.38 12.76 -28.41
N ILE B 338 -16.22 11.43 -28.30
CA ILE B 338 -15.13 10.77 -29.04
C ILE B 338 -15.33 10.97 -30.56
N LEU B 339 -16.51 10.65 -31.07
CA LEU B 339 -16.77 10.71 -32.48
C LEU B 339 -16.56 12.14 -33.05
N GLU B 340 -16.92 13.16 -32.29
CA GLU B 340 -16.77 14.53 -32.80
C GLU B 340 -15.37 15.14 -32.66
N ASN B 341 -14.51 14.49 -31.89
CA ASN B 341 -13.19 15.07 -31.70
C ASN B 341 -12.16 14.41 -32.61
N ASP B 342 -11.48 15.22 -33.41
CA ASP B 342 -10.51 14.71 -34.39
C ASP B 342 -9.14 14.38 -33.81
N THR B 343 -8.91 14.78 -32.58
CA THR B 343 -7.60 14.52 -31.95
C THR B 343 -7.22 13.02 -31.82
N ILE B 344 -5.95 12.74 -32.08
CA ILE B 344 -5.43 11.39 -31.95
C ILE B 344 -4.39 11.55 -30.84
N TYR B 345 -4.66 10.96 -29.67
CA TYR B 345 -3.73 11.01 -28.56
C TYR B 345 -2.76 9.85 -28.55
N HIS B 346 -3.02 8.75 -29.23
CA HIS B 346 -2.10 7.62 -29.06
C HIS B 346 -0.74 7.80 -29.70
N ASP B 347 0.30 7.09 -29.24
CA ASP B 347 1.60 7.25 -29.87
C ASP B 347 1.57 6.83 -31.36
N ASN B 348 2.40 7.46 -32.18
CA ASN B 348 2.50 7.07 -33.59
C ASN B 348 3.97 6.93 -33.91
N MET C 1 14.70 -18.66 45.33
CA MET C 1 14.70 -17.28 45.92
C MET C 1 14.53 -16.46 44.66
N PHE C 2 13.32 -15.97 44.38
CA PHE C 2 13.08 -15.20 43.18
C PHE C 2 13.66 -13.76 43.21
N GLN C 3 13.65 -13.13 44.38
CA GLN C 3 14.12 -11.75 44.45
C GLN C 3 15.49 -11.41 43.73
N PRO C 4 16.55 -12.21 43.88
CA PRO C 4 17.80 -11.80 43.15
C PRO C 4 17.58 -11.94 41.62
N LEU C 5 16.73 -12.87 41.20
CA LEU C 5 16.48 -13.00 39.72
C LEU C 5 15.66 -11.81 39.26
N LEU C 6 14.66 -11.40 40.04
CA LEU C 6 13.92 -10.21 39.64
C LEU C 6 14.82 -8.94 39.61
N ASP C 7 15.70 -8.81 40.61
CA ASP C 7 16.58 -7.60 40.63
C ASP C 7 17.44 -7.57 39.34
N ALA C 8 17.99 -8.72 38.97
CA ALA C 8 18.80 -8.78 37.76
C ALA C 8 17.95 -8.44 36.51
N TYR C 9 16.72 -8.94 36.48
CA TYR C 9 15.87 -8.66 35.34
C TYR C 9 15.58 -7.15 35.24
N VAL C 10 15.24 -6.53 36.36
CA VAL C 10 14.93 -5.09 36.35
C VAL C 10 16.17 -4.35 35.90
N GLU C 11 17.34 -4.75 36.37
CA GLU C 11 18.55 -4.08 35.89
C GLU C 11 18.75 -4.26 34.39
N SER C 12 18.50 -5.49 33.90
CA SER C 12 18.68 -5.79 32.46
C SER C 12 17.67 -4.98 31.65
N ALA C 13 16.62 -4.51 32.29
CA ALA C 13 15.61 -3.71 31.59
C ALA C 13 15.92 -2.18 31.68
N SER C 14 17.07 -1.85 32.25
CA SER C 14 17.39 -0.44 32.33
C SER C 14 17.90 0.22 31.04
N ILE C 15 17.21 1.24 30.56
CA ILE C 15 17.69 1.93 29.39
C ILE C 15 17.52 3.43 29.62
N GLU C 16 18.21 4.19 28.79
CA GLU C 16 18.21 5.65 28.77
C GLU C 16 16.80 6.18 28.47
N LYS C 17 16.30 7.15 29.25
CA LYS C 17 14.93 7.67 29.01
C LYS C 17 14.86 8.23 27.59
N MET C 18 13.67 8.20 26.97
CA MET C 18 13.66 8.69 25.58
C MET C 18 13.54 10.17 25.35
N ALA C 19 14.56 10.60 24.61
CA ALA C 19 14.82 11.97 24.17
C ALA C 19 13.67 12.58 23.37
N SER C 20 13.74 12.54 22.04
CA SER C 20 12.64 13.11 21.27
C SER C 20 11.46 12.27 21.73
N LYS C 21 10.57 12.84 22.53
CA LYS C 21 9.44 12.04 23.01
C LYS C 21 8.31 11.85 22.02
N SER C 22 8.68 11.60 20.76
CA SER C 22 7.72 11.30 19.72
C SER C 22 8.39 10.14 19.00
N PRO C 23 8.38 8.93 19.62
CA PRO C 23 9.02 7.75 19.01
C PRO C 23 8.68 7.56 17.55
N PRO C 24 9.70 7.44 16.70
CA PRO C 24 9.50 7.24 15.25
C PRO C 24 8.59 6.04 14.96
N PRO C 25 7.75 6.13 13.93
CA PRO C 25 6.84 5.03 13.62
C PRO C 25 7.54 3.74 13.16
N LEU C 26 6.96 2.62 13.57
CA LEU C 26 7.43 1.27 13.18
C LEU C 26 6.17 0.45 12.82
N LYS C 27 6.08 0.04 11.54
CA LYS C 27 4.93 -0.75 11.07
C LYS C 27 5.39 -2.21 10.97
N ILE C 28 4.71 -3.05 11.74
CA ILE C 28 5.04 -4.46 11.80
C ILE C 28 3.83 -5.29 11.29
N ALA C 29 4.06 -6.11 10.27
CA ALA C 29 2.97 -6.98 9.80
C ALA C 29 3.00 -8.28 10.67
N VAL C 30 1.82 -8.75 11.06
CA VAL C 30 1.70 -9.94 11.88
C VAL C 30 0.67 -10.91 11.26
N ALA C 31 0.47 -12.06 11.90
CA ALA C 31 -0.46 -13.07 11.36
C ALA C 31 -1.86 -12.55 10.94
N ASN C 32 -2.32 -12.87 9.72
CA ASN C 32 -3.64 -12.40 9.29
C ASN C 32 -4.73 -13.07 10.09
N TRP C 33 -4.46 -14.27 10.58
CA TRP C 33 -5.47 -15.01 11.34
C TRP C 33 -5.70 -14.49 12.75
N TRP C 34 -4.71 -13.77 13.29
CA TRP C 34 -4.87 -13.25 14.65
C TRP C 34 -6.15 -12.46 14.85
N GLY C 35 -6.79 -12.73 15.97
CA GLY C 35 -7.97 -12.00 16.32
C GLY C 35 -7.53 -11.04 17.42
N ASP C 36 -8.48 -10.37 18.05
CA ASP C 36 -8.10 -9.44 19.10
C ASP C 36 -7.46 -10.07 20.35
N GLU C 37 -7.66 -11.37 20.56
CA GLU C 37 -7.02 -12.07 21.68
C GLU C 37 -5.48 -12.17 21.44
N GLU C 38 -5.09 -12.65 20.26
CA GLU C 38 -3.68 -12.77 19.93
C GLU C 38 -2.98 -11.39 19.88
N ILE C 39 -3.68 -10.39 19.38
CA ILE C 39 -3.12 -9.06 19.28
C ILE C 39 -2.83 -8.50 20.69
N LYS C 40 -3.81 -8.61 21.60
CA LYS C 40 -3.65 -8.13 22.98
C LYS C 40 -2.45 -8.83 23.62
N GLU C 41 -2.35 -10.11 23.36
CA GLU C 41 -1.25 -10.91 23.89
C GLU C 41 0.09 -10.43 23.32
N PHE C 42 0.10 -10.10 22.03
CA PHE C 42 1.32 -9.64 21.41
C PHE C 42 1.66 -8.28 21.98
N LYS C 43 0.64 -7.44 22.15
CA LYS C 43 0.87 -6.12 22.68
C LYS C 43 1.39 -6.18 24.10
N ASN C 44 1.23 -7.31 24.77
CA ASN C 44 1.67 -7.42 26.17
C ASN C 44 2.99 -8.20 26.33
N SER C 45 3.53 -8.69 25.23
CA SER C 45 4.76 -9.48 25.25
C SER C 45 5.98 -8.57 25.51
N VAL C 46 7.06 -9.15 25.97
CA VAL C 46 8.24 -8.33 26.26
C VAL C 46 8.82 -7.67 25.00
N LEU C 47 8.84 -8.38 23.87
CA LEU C 47 9.40 -7.77 22.67
C LEU C 47 8.60 -6.48 22.28
N TYR C 48 7.27 -6.54 22.34
CA TYR C 48 6.51 -5.34 22.00
C TYR C 48 6.79 -4.25 23.06
N PHE C 49 6.82 -4.65 24.31
CA PHE C 49 7.08 -3.73 25.41
C PHE C 49 8.41 -3.02 25.16
N ILE C 50 9.43 -3.79 24.82
CA ILE C 50 10.74 -3.20 24.60
C ILE C 50 10.72 -2.21 23.42
N LEU C 51 10.14 -2.64 22.30
CA LEU C 51 10.16 -1.79 21.13
C LEU C 51 9.35 -0.50 21.35
N SER C 52 8.24 -0.60 22.08
CA SER C 52 7.39 0.57 22.34
C SER C 52 8.14 1.67 23.14
N GLN C 53 9.29 1.33 23.70
CA GLN C 53 10.06 2.30 24.46
C GLN C 53 10.86 3.17 23.48
N ARG C 54 10.88 2.78 22.21
CA ARG C 54 11.64 3.54 21.24
C ARG C 54 10.93 3.80 19.92
N TYR C 55 9.74 3.22 19.75
CA TYR C 55 9.02 3.41 18.49
C TYR C 55 7.54 3.49 18.72
N THR C 56 6.85 4.17 17.79
CA THR C 56 5.42 4.21 17.85
C THR C 56 5.01 3.08 16.93
N ILE C 57 4.59 2.00 17.56
CA ILE C 57 4.23 0.82 16.80
C ILE C 57 2.79 0.69 16.27
N THR C 58 2.69 0.34 15.00
CA THR C 58 1.41 0.10 14.34
C THR C 58 1.49 -1.31 13.78
N LEU C 59 0.43 -2.11 13.96
CA LEU C 59 0.39 -3.48 13.46
C LEU C 59 -0.42 -3.57 12.16
N HIS C 60 0.03 -4.41 11.23
CA HIS C 60 -0.68 -4.59 9.97
C HIS C 60 -1.06 -6.05 9.79
N GLN C 61 -2.28 -6.27 9.29
CA GLN C 61 -2.77 -7.59 8.99
C GLN C 61 -3.33 -7.65 7.56
N ASN C 62 -3.32 -6.52 6.84
CA ASN C 62 -3.80 -6.49 5.47
C ASN C 62 -2.64 -6.98 4.60
N PRO C 63 -2.87 -7.99 3.77
CA PRO C 63 -1.74 -8.44 2.96
C PRO C 63 -1.33 -7.46 1.83
N ASN C 64 -2.18 -6.47 1.55
CA ASN C 64 -1.86 -5.51 0.50
C ASN C 64 -1.36 -4.18 1.10
N GLU C 65 -0.59 -4.26 2.20
CA GLU C 65 0.00 -3.06 2.80
C GLU C 65 1.51 -3.22 2.96
N PHE C 66 2.21 -2.10 2.85
CA PHE C 66 3.69 -2.08 3.04
C PHE C 66 3.92 -2.08 4.56
N SER C 67 5.04 -2.67 5.00
CA SER C 67 5.38 -2.63 6.42
C SER C 67 6.91 -2.50 6.51
N ASP C 68 7.46 -2.06 7.64
CA ASP C 68 8.94 -2.00 7.81
C ASP C 68 9.49 -3.43 8.15
N LEU C 69 8.66 -4.26 8.81
CA LEU C 69 9.07 -5.62 9.21
C LEU C 69 7.86 -6.56 9.06
N VAL C 70 8.14 -7.82 8.76
CA VAL C 70 7.11 -8.85 8.68
C VAL C 70 7.63 -9.80 9.75
N PHE C 71 6.83 -9.96 10.80
CA PHE C 71 7.26 -10.72 11.99
C PHE C 71 6.47 -11.93 12.34
N GLY C 72 7.15 -13.04 12.64
CA GLY C 72 6.44 -14.26 13.05
C GLY C 72 7.01 -15.50 12.38
N ASN C 73 6.12 -16.45 12.10
CA ASN C 73 6.50 -17.71 11.43
C ASN C 73 5.24 -18.26 10.78
N PRO C 74 4.75 -17.58 9.72
CA PRO C 74 3.52 -18.07 9.06
C PRO C 74 3.68 -19.44 8.36
N LEU C 75 2.60 -20.22 8.41
CA LEU C 75 2.54 -21.54 7.77
C LEU C 75 1.58 -21.55 6.54
N GLY C 76 1.38 -22.71 5.93
CA GLY C 76 0.47 -22.83 4.79
C GLY C 76 0.49 -21.71 3.76
N SER C 77 -0.70 -21.31 3.30
CA SER C 77 -0.78 -20.22 2.33
C SER C 77 -0.01 -19.01 2.84
N ALA C 78 -0.30 -18.65 4.09
CA ALA C 78 0.31 -17.50 4.73
C ALA C 78 1.83 -17.45 4.56
N ARG C 79 2.51 -18.62 4.48
CA ARG C 79 3.98 -18.65 4.33
C ARG C 79 4.39 -18.32 2.87
N LYS C 80 3.58 -18.75 1.90
CA LYS C 80 3.87 -18.42 0.50
C LYS C 80 3.74 -16.90 0.39
N ILE C 81 2.66 -16.36 0.91
CA ILE C 81 2.45 -14.91 0.88
C ILE C 81 3.72 -14.21 1.45
N LEU C 82 4.32 -14.80 2.48
CA LEU C 82 5.50 -14.20 3.10
C LEU C 82 6.61 -13.94 2.10
N SER C 83 6.95 -15.01 1.38
CA SER C 83 8.02 -14.99 0.39
C SER C 83 7.90 -13.93 -0.70
N TYR C 84 6.68 -13.41 -0.92
CA TYR C 84 6.34 -12.35 -1.92
C TYR C 84 6.37 -10.96 -1.30
N GLN C 85 6.28 -10.94 0.01
CA GLN C 85 6.30 -9.65 0.67
C GLN C 85 7.71 -9.18 0.37
N ASN C 86 8.63 -10.16 0.31
CA ASN C 86 9.99 -9.86 -0.09
C ASN C 86 10.26 -8.57 0.61
N ALA C 87 9.80 -8.59 1.86
CA ALA C 87 9.94 -7.42 2.76
C ALA C 87 10.98 -7.85 3.80
N LYS C 88 11.27 -7.00 4.79
CA LYS C 88 12.24 -7.33 5.84
C LYS C 88 11.62 -8.27 6.91
N ARG C 89 11.92 -9.54 6.73
CA ARG C 89 11.37 -10.65 7.52
C ARG C 89 12.13 -11.11 8.74
N VAL C 90 11.40 -11.19 9.86
CA VAL C 90 11.93 -11.62 11.11
C VAL C 90 11.20 -12.87 11.60
N PHE C 91 11.98 -13.94 11.75
CA PHE C 91 11.43 -15.19 12.25
C PHE C 91 11.36 -15.09 13.78
N TYR C 92 10.22 -15.54 14.32
CA TYR C 92 10.01 -15.59 15.74
C TYR C 92 8.89 -16.59 16.04
N THR C 93 9.16 -17.62 16.83
CA THR C 93 8.10 -18.56 17.20
C THR C 93 8.36 -19.03 18.61
N GLY C 94 7.33 -19.49 19.28
CA GLY C 94 7.50 -19.99 20.64
C GLY C 94 7.81 -21.51 20.61
N GLU C 95 7.83 -22.08 19.40
CA GLU C 95 8.04 -23.53 19.27
C GLU C 95 9.53 -23.87 19.29
N ASN C 96 9.82 -25.14 19.51
CA ASN C 96 11.19 -25.60 19.55
C ASN C 96 11.53 -25.89 18.09
N GLU C 97 11.74 -24.80 17.35
CA GLU C 97 12.04 -24.86 15.91
C GLU C 97 13.12 -23.86 15.52
N SER C 98 14.18 -24.31 14.83
CA SER C 98 15.24 -23.44 14.37
C SER C 98 14.78 -22.67 13.11
N PRO C 99 15.29 -21.46 12.94
CA PRO C 99 14.90 -20.62 11.79
C PRO C 99 15.34 -21.09 10.39
N ASN C 100 14.58 -20.66 9.38
CA ASN C 100 14.91 -20.92 7.98
C ASN C 100 15.49 -19.59 7.49
N PHE C 101 16.83 -19.52 7.40
CA PHE C 101 17.49 -18.28 6.94
C PHE C 101 17.36 -18.02 5.42
N ASN C 102 16.85 -18.97 4.65
CA ASN C 102 16.63 -18.71 3.23
C ASN C 102 15.37 -17.82 3.13
N LEU C 103 14.37 -18.10 3.97
CA LEU C 103 13.11 -17.33 3.91
C LEU C 103 13.10 -16.05 4.78
N PHE C 104 13.86 -16.05 5.89
CA PHE C 104 13.87 -14.89 6.81
C PHE C 104 15.20 -14.18 6.88
N ASP C 105 15.16 -12.87 6.78
CA ASP C 105 16.36 -12.03 6.88
C ASP C 105 16.97 -12.10 8.26
N TYR C 106 16.09 -12.05 9.26
CA TYR C 106 16.52 -12.04 10.62
C TYR C 106 15.78 -13.06 11.46
N ALA C 107 16.31 -13.41 12.63
CA ALA C 107 15.55 -14.35 13.48
C ALA C 107 15.85 -14.13 14.95
N ILE C 108 14.86 -14.35 15.79
CA ILE C 108 15.09 -14.23 17.20
C ILE C 108 14.71 -15.64 17.67
N GLY C 109 15.50 -16.29 18.49
CA GLY C 109 15.11 -17.64 18.87
C GLY C 109 15.81 -18.14 20.12
N PHE C 110 15.87 -19.47 20.26
CA PHE C 110 16.52 -20.05 21.43
C PHE C 110 17.85 -20.72 21.13
N ASP C 111 18.12 -20.96 19.84
CA ASP C 111 19.31 -21.70 19.46
C ASP C 111 20.64 -21.05 19.88
N GLU C 112 21.63 -21.91 20.24
CA GLU C 112 22.96 -21.40 20.64
C GLU C 112 23.79 -21.23 19.36
N LEU C 113 23.47 -20.18 18.62
CA LEU C 113 24.09 -19.93 17.33
C LEU C 113 24.45 -18.46 17.19
N ASP C 114 25.44 -18.20 16.36
CA ASP C 114 25.91 -16.84 16.11
C ASP C 114 25.91 -16.67 14.60
N PHE C 115 25.10 -15.73 14.12
CA PHE C 115 25.05 -15.51 12.70
C PHE C 115 25.24 -14.00 12.58
N ASN C 116 26.18 -13.45 13.34
CA ASN C 116 26.41 -12.00 13.26
C ASN C 116 25.12 -11.17 13.49
N ASP C 117 24.80 -10.26 12.59
CA ASP C 117 23.64 -9.39 12.71
C ASP C 117 22.33 -10.07 12.40
N ARG C 118 22.33 -11.30 11.85
CA ARG C 118 21.05 -11.92 11.47
C ARG C 118 20.29 -12.69 12.55
N TYR C 119 20.92 -12.90 13.70
CA TYR C 119 20.29 -13.70 14.74
C TYR C 119 20.44 -13.20 16.14
N LEU C 120 19.37 -13.29 16.92
CA LEU C 120 19.41 -12.91 18.29
C LEU C 120 18.81 -13.99 19.20
N ARG C 121 19.51 -14.41 20.26
CA ARG C 121 18.91 -15.37 21.18
C ARG C 121 18.12 -14.63 22.27
N MET C 122 16.80 -14.85 22.27
CA MET C 122 15.94 -14.27 23.30
C MET C 122 15.00 -15.40 23.76
N PRO C 123 15.44 -16.20 24.75
CA PRO C 123 14.63 -17.32 25.27
C PRO C 123 13.29 -16.88 25.84
N LEU C 124 12.36 -17.82 25.82
CA LEU C 124 11.01 -17.55 26.36
C LEU C 124 11.05 -17.18 27.86
N TYR C 125 12.05 -17.67 28.57
CA TYR C 125 12.07 -17.33 29.99
C TYR C 125 12.14 -15.79 30.20
N TYR C 126 12.69 -15.05 29.25
CA TYR C 126 12.82 -13.59 29.39
C TYR C 126 11.45 -12.94 29.28
N ASP C 127 10.60 -13.40 28.35
CA ASP C 127 9.26 -12.82 28.26
C ASP C 127 8.48 -13.16 29.55
N ARG C 128 8.70 -14.36 30.11
CA ARG C 128 7.96 -14.73 31.32
C ARG C 128 8.37 -13.79 32.51
N LEU C 129 9.66 -13.47 32.59
CA LEU C 129 10.14 -12.53 33.66
C LEU C 129 9.43 -11.20 33.51
N HIS C 130 9.27 -10.75 32.27
CA HIS C 130 8.52 -9.50 31.95
C HIS C 130 7.09 -9.56 32.56
N HIS C 131 6.40 -10.68 32.39
CA HIS C 131 5.07 -10.76 32.98
C HIS C 131 5.10 -10.84 34.53
N LYS C 132 6.07 -11.53 35.09
CA LYS C 132 6.15 -11.60 36.52
C LYS C 132 6.47 -10.21 37.09
N ALA C 133 7.38 -9.50 36.44
CA ALA C 133 7.76 -8.15 36.92
C ALA C 133 6.52 -7.26 36.92
N GLU C 134 5.72 -7.29 35.87
CA GLU C 134 4.50 -6.47 35.85
C GLU C 134 3.48 -6.86 36.93
N SER C 135 3.38 -8.15 37.22
CA SER C 135 2.45 -8.66 38.21
C SER C 135 2.88 -8.24 39.63
N VAL C 136 4.14 -7.91 39.87
CA VAL C 136 4.44 -7.49 41.25
C VAL C 136 4.53 -5.94 41.43
N ASN C 137 3.97 -5.19 40.46
CA ASN C 137 3.98 -3.74 40.62
C ASN C 137 2.67 -3.60 41.37
N ASP C 138 2.75 -3.99 42.64
CA ASP C 138 1.62 -4.08 43.51
C ASP C 138 2.16 -3.77 44.91
N THR C 139 1.40 -3.01 45.69
CA THR C 139 1.87 -2.63 47.04
C THR C 139 1.82 -3.72 48.07
N THR C 140 1.29 -4.89 47.74
CA THR C 140 1.20 -6.00 48.68
C THR C 140 1.99 -7.22 48.16
N ALA C 141 2.67 -7.06 47.03
CA ALA C 141 3.45 -8.19 46.50
C ALA C 141 4.64 -8.35 47.41
N PRO C 142 5.12 -9.60 47.55
CA PRO C 142 6.26 -10.00 48.37
C PRO C 142 7.60 -9.84 47.68
N TYR C 143 7.62 -9.33 46.45
CA TYR C 143 8.86 -9.10 45.71
C TYR C 143 8.91 -7.61 45.40
N LYS C 144 10.09 -7.00 45.48
CA LYS C 144 10.13 -5.57 45.26
C LYS C 144 10.80 -5.14 43.97
N LEU C 145 10.20 -4.13 43.32
CA LEU C 145 10.77 -3.51 42.14
C LEU C 145 11.53 -2.26 42.59
N LYS C 146 12.76 -2.08 42.12
CA LYS C 146 13.52 -0.89 42.44
C LYS C 146 12.63 0.34 42.13
N ASP C 147 12.59 1.31 43.05
CA ASP C 147 11.75 2.51 42.84
C ASP C 147 12.13 3.26 41.59
N ASN C 148 11.15 3.92 41.01
CA ASN C 148 11.39 4.72 39.83
C ASN C 148 11.94 3.96 38.61
N SER C 149 12.03 2.62 38.68
CA SER C 149 12.50 1.85 37.52
C SER C 149 11.31 1.66 36.54
N LEU C 150 11.59 1.20 35.32
CA LEU C 150 10.55 1.06 34.32
C LEU C 150 9.26 0.34 34.71
N TYR C 151 9.35 -0.76 35.44
CA TYR C 151 8.13 -1.49 35.78
C TYR C 151 7.32 -0.90 36.90
N ALA C 152 7.90 0.04 37.64
CA ALA C 152 7.15 0.65 38.72
C ALA C 152 6.63 2.01 38.32
N LEU C 153 6.57 2.31 37.01
CA LEU C 153 6.04 3.61 36.56
C LEU C 153 4.56 3.61 36.78
N LYS C 154 3.88 2.70 36.09
CA LYS C 154 2.44 2.55 36.16
C LYS C 154 2.00 2.57 37.64
N LYS C 155 0.76 3.00 37.89
CA LYS C 155 0.34 3.01 39.29
C LYS C 155 0.14 1.57 39.72
N PRO C 156 0.64 1.22 40.91
CA PRO C 156 0.51 -0.16 41.37
C PRO C 156 -0.87 -0.66 41.83
N SER C 157 -1.08 -1.97 41.73
CA SER C 157 -2.31 -2.59 42.19
C SER C 157 -2.11 -2.95 43.69
N HIS C 158 -3.15 -3.48 44.36
CA HIS C 158 -3.09 -3.78 45.80
C HIS C 158 -3.73 -5.13 46.11
N CYS C 159 -3.89 -5.94 45.07
CA CYS C 159 -4.54 -7.23 45.19
C CYS C 159 -3.62 -8.43 45.28
N PHE C 160 -2.33 -8.27 44.94
CA PHE C 160 -1.45 -9.43 44.96
C PHE C 160 -1.50 -10.36 46.16
N LYS C 161 -1.41 -9.82 47.38
CA LYS C 161 -1.40 -10.66 48.55
C LYS C 161 -2.71 -11.40 48.79
N GLU C 162 -3.83 -10.76 48.47
CA GLU C 162 -5.17 -11.37 48.62
C GLU C 162 -5.30 -12.55 47.66
N LYS C 163 -4.69 -12.42 46.48
CA LYS C 163 -4.75 -13.49 45.52
C LYS C 163 -3.69 -14.55 45.66
N HIS C 164 -2.68 -14.33 46.50
CA HIS C 164 -1.64 -15.37 46.66
C HIS C 164 -1.21 -15.39 48.11
N PRO C 165 -2.14 -15.78 49.02
CA PRO C 165 -1.77 -15.78 50.44
C PRO C 165 -0.59 -16.65 50.86
N ASN C 166 -0.59 -17.91 50.47
CA ASN C 166 0.50 -18.79 50.80
C ASN C 166 1.86 -18.33 50.18
N LEU C 167 1.85 -17.90 48.93
CA LEU C 167 3.11 -17.50 48.28
C LEU C 167 3.76 -16.36 49.06
N CYS C 168 2.97 -15.35 49.36
CA CYS C 168 3.48 -14.23 50.17
C CYS C 168 3.93 -14.76 51.52
N ALA C 169 3.15 -15.62 52.17
CA ALA C 169 3.60 -16.13 53.48
C ALA C 169 4.96 -16.85 53.48
N VAL C 170 5.17 -17.78 52.55
CA VAL C 170 6.42 -18.48 52.54
C VAL C 170 7.56 -17.57 52.09
N VAL C 171 7.31 -16.65 51.17
CA VAL C 171 8.35 -15.71 50.77
C VAL C 171 8.67 -14.73 51.93
N ASN C 172 7.66 -14.28 52.66
CA ASN C 172 7.87 -13.37 53.80
C ASN C 172 8.32 -14.10 55.10
N ASP C 173 8.79 -15.33 54.97
CA ASP C 173 9.22 -16.12 56.13
C ASP C 173 8.15 -16.24 57.19
N GLU C 174 6.88 -16.12 56.81
CA GLU C 174 5.80 -16.24 57.77
C GLU C 174 5.31 -17.67 57.83
N SER C 175 5.76 -18.50 56.90
CA SER C 175 5.38 -19.91 56.87
C SER C 175 6.62 -20.73 56.51
N ASP C 176 6.79 -21.89 57.11
CA ASP C 176 7.98 -22.72 56.87
C ASP C 176 7.96 -23.47 55.51
N PRO C 177 8.94 -23.19 54.64
CA PRO C 177 8.96 -23.87 53.33
C PRO C 177 9.01 -25.39 53.39
N LEU C 178 9.43 -25.93 54.55
CA LEU C 178 9.50 -27.38 54.68
C LEU C 178 8.15 -27.99 54.96
N LYS C 179 7.22 -27.18 55.47
CA LYS C 179 5.89 -27.73 55.82
C LYS C 179 4.91 -27.56 54.67
N ARG C 180 5.20 -28.26 53.57
CA ARG C 180 4.40 -28.20 52.33
C ARG C 180 4.38 -29.55 51.71
N GLY C 181 3.46 -29.72 50.76
CA GLY C 181 3.36 -30.96 50.04
C GLY C 181 4.64 -31.24 49.25
N PHE C 182 4.76 -32.45 48.74
CA PHE C 182 5.97 -32.85 48.04
C PHE C 182 6.30 -32.13 46.70
N ALA C 183 5.51 -32.36 45.65
CA ALA C 183 5.84 -31.78 44.38
C ALA C 183 4.62 -31.56 43.54
N SER C 184 4.56 -30.44 42.82
CA SER C 184 3.43 -30.17 41.93
C SER C 184 3.84 -30.48 40.46
N PHE C 185 2.85 -30.63 39.60
CA PHE C 185 3.03 -30.96 38.19
C PHE C 185 1.83 -30.34 37.46
N VAL C 186 2.06 -29.33 36.62
CA VAL C 186 0.98 -28.66 35.87
C VAL C 186 1.36 -28.70 34.40
N ALA C 187 0.71 -29.58 33.64
CA ALA C 187 0.97 -29.75 32.21
C ALA C 187 -0.36 -30.09 31.47
N SER C 188 -0.47 -29.66 30.21
CA SER C 188 -1.71 -29.88 29.44
C SER C 188 -1.48 -30.60 28.14
N ASN C 189 -0.28 -30.48 27.60
CA ASN C 189 0.03 -31.16 26.33
C ASN C 189 0.27 -32.61 26.71
N PRO C 190 -0.52 -33.55 26.20
CA PRO C 190 -0.27 -34.96 26.59
C PRO C 190 0.77 -35.68 25.74
N ASN C 191 1.29 -35.02 24.71
CA ASN C 191 2.28 -35.65 23.83
C ASN C 191 3.70 -35.24 24.25
N ALA C 192 4.19 -35.88 25.33
CA ALA C 192 5.51 -35.65 25.94
C ALA C 192 5.77 -36.89 26.81
N PRO C 193 6.11 -38.01 26.16
CA PRO C 193 6.38 -39.29 26.81
C PRO C 193 7.48 -39.21 27.88
N ILE C 194 8.57 -38.50 27.57
CA ILE C 194 9.68 -38.44 28.49
C ILE C 194 9.26 -37.85 29.80
N ARG C 195 8.46 -36.81 29.71
CA ARG C 195 7.91 -36.10 30.84
C ARG C 195 6.99 -37.03 31.63
N ASN C 196 6.07 -37.68 30.90
CA ASN C 196 5.11 -38.59 31.53
C ASN C 196 5.81 -39.79 32.21
N ALA C 197 6.90 -40.27 31.62
CA ALA C 197 7.68 -41.38 32.21
C ALA C 197 8.39 -40.90 33.47
N PHE C 198 8.89 -39.66 33.44
CA PHE C 198 9.56 -39.18 34.63
C PHE C 198 8.51 -38.94 35.70
N TYR C 199 7.33 -38.48 35.30
CA TYR C 199 6.30 -38.24 36.30
C TYR C 199 5.95 -39.58 37.00
N ASP C 200 5.77 -40.64 36.22
CA ASP C 200 5.42 -41.94 36.79
C ASP C 200 6.53 -42.37 37.74
N ALA C 201 7.78 -42.21 37.30
CA ALA C 201 8.90 -42.59 38.15
C ALA C 201 9.00 -41.82 39.45
N LEU C 202 8.81 -40.51 39.39
CA LEU C 202 8.93 -39.68 40.57
C LEU C 202 7.78 -39.95 41.50
N ASN C 203 6.63 -40.15 40.90
CA ASN C 203 5.42 -40.37 41.66
C ASN C 203 5.55 -41.58 42.59
N SER C 204 6.60 -42.35 42.39
CA SER C 204 6.85 -43.53 43.19
C SER C 204 7.66 -43.24 44.45
N ILE C 205 8.17 -42.01 44.57
CA ILE C 205 8.93 -41.63 45.76
C ILE C 205 7.80 -41.34 46.74
N GLU C 206 6.94 -40.46 46.29
CA GLU C 206 5.81 -40.04 47.06
C GLU C 206 4.92 -39.46 45.96
N PRO C 207 3.62 -39.47 46.17
CA PRO C 207 2.80 -38.91 45.10
C PRO C 207 3.07 -37.48 44.72
N VAL C 208 2.95 -37.25 43.42
CA VAL C 208 3.14 -35.91 42.89
C VAL C 208 1.72 -35.37 42.62
N THR C 209 1.47 -34.10 42.94
CA THR C 209 0.15 -33.54 42.76
C THR C 209 0.06 -32.89 41.41
N GLY C 210 -0.86 -33.39 40.58
CA GLY C 210 -1.01 -32.84 39.24
C GLY C 210 -2.18 -31.86 39.22
N GLY C 211 -1.90 -30.63 38.79
CA GLY C 211 -2.91 -29.60 38.73
C GLY C 211 -3.37 -29.14 37.35
N GLY C 212 -2.87 -29.81 36.28
CA GLY C 212 -3.27 -29.51 34.92
C GLY C 212 -3.99 -30.79 34.36
N SER C 213 -4.23 -30.87 33.07
CA SER C 213 -4.93 -32.02 32.44
C SER C 213 -4.17 -33.30 32.53
N VAL C 214 -2.87 -33.21 32.39
CA VAL C 214 -2.02 -34.40 32.40
C VAL C 214 -1.78 -34.96 33.80
N ARG C 215 -2.00 -36.26 33.97
CA ARG C 215 -1.84 -36.89 35.26
C ARG C 215 -2.52 -36.08 36.38
N ASN C 216 -3.70 -35.53 36.08
CA ASN C 216 -4.41 -34.75 37.07
C ASN C 216 -4.75 -35.55 38.33
N THR C 217 -4.46 -35.00 39.50
CA THR C 217 -4.81 -35.69 40.72
C THR C 217 -5.62 -34.80 41.60
N LEU C 218 -5.61 -33.50 41.34
CA LEU C 218 -6.38 -32.56 42.15
C LEU C 218 -7.90 -32.71 41.94
N GLY C 219 -8.28 -33.07 40.73
CA GLY C 219 -9.71 -33.21 40.43
C GLY C 219 -10.18 -32.24 39.38
N TYR C 220 -9.55 -31.07 39.33
CA TYR C 220 -9.88 -30.04 38.36
C TYR C 220 -8.56 -29.32 37.97
N ASN C 221 -8.58 -28.50 36.95
CA ASN C 221 -7.35 -27.79 36.61
C ASN C 221 -7.25 -26.41 37.26
N VAL C 222 -6.19 -26.17 38.06
CA VAL C 222 -6.05 -24.88 38.77
C VAL C 222 -5.89 -23.68 37.89
N LYS C 223 -6.37 -22.54 38.36
CA LYS C 223 -6.29 -21.31 37.59
C LYS C 223 -5.07 -20.46 38.04
N ASN C 224 -4.93 -20.29 39.35
CA ASN C 224 -3.82 -19.53 39.88
C ASN C 224 -2.59 -20.44 40.09
N LYS C 225 -1.73 -20.56 39.06
CA LYS C 225 -0.57 -21.41 39.16
C LYS C 225 0.49 -20.87 40.12
N ASN C 226 0.60 -19.55 40.20
CA ASN C 226 1.56 -18.94 41.13
C ASN C 226 1.30 -19.47 42.57
N GLU C 227 0.04 -19.43 43.01
CA GLU C 227 -0.35 -19.81 44.35
C GLU C 227 -0.21 -21.29 44.50
N PHE C 228 -0.74 -22.06 43.53
CA PHE C 228 -0.65 -23.51 43.60
C PHE C 228 0.77 -24.02 43.71
N LEU C 229 1.69 -23.53 42.87
CA LEU C 229 3.05 -24.04 42.94
C LEU C 229 3.74 -23.71 44.26
N SER C 230 3.36 -22.60 44.88
CA SER C 230 3.94 -22.20 46.18
C SER C 230 3.61 -23.15 47.32
N GLN C 231 2.65 -24.05 47.12
CA GLN C 231 2.20 -24.98 48.15
C GLN C 231 2.92 -26.31 48.18
N TYR C 232 3.96 -26.47 47.36
CA TYR C 232 4.75 -27.73 47.32
C TYR C 232 6.25 -27.41 47.35
N LYS C 233 7.03 -28.38 47.78
CA LYS C 233 8.48 -28.15 47.93
C LYS C 233 9.21 -28.13 46.60
N PHE C 234 8.69 -28.90 45.64
CA PHE C 234 9.32 -28.96 44.33
C PHE C 234 8.25 -28.77 43.26
N ASN C 235 8.66 -28.43 42.04
CA ASN C 235 7.72 -28.33 40.90
C ASN C 235 8.41 -29.12 39.73
N LEU C 236 7.70 -30.11 39.19
CA LEU C 236 8.24 -30.86 38.10
C LEU C 236 8.11 -30.02 36.83
N CYS C 237 9.21 -29.53 36.27
CA CYS C 237 9.08 -28.76 35.04
C CYS C 237 9.94 -29.17 33.87
N PHE C 238 9.35 -30.10 33.14
CA PHE C 238 9.96 -30.67 31.98
C PHE C 238 9.44 -29.94 30.77
N GLU C 239 10.34 -29.62 29.83
CA GLU C 239 9.92 -28.97 28.57
C GLU C 239 9.25 -30.12 27.81
N ASN C 240 8.45 -29.80 26.79
CA ASN C 240 7.83 -30.86 25.97
C ASN C 240 8.82 -31.55 25.06
N THR C 241 9.89 -30.88 24.71
CA THR C 241 10.84 -31.51 23.80
C THR C 241 12.17 -30.95 24.20
N GLN C 242 13.21 -31.65 23.77
CA GLN C 242 14.59 -31.24 24.08
C GLN C 242 15.18 -30.39 22.94
N GLY C 243 15.82 -29.29 23.29
CA GLY C 243 16.50 -28.48 22.26
C GLY C 243 17.61 -27.70 23.03
N TYR C 244 18.81 -27.64 22.45
CA TYR C 244 19.86 -26.91 23.10
C TYR C 244 19.51 -25.44 23.10
N GLY C 245 19.31 -24.91 24.28
CA GLY C 245 19.00 -23.51 24.45
C GLY C 245 17.49 -23.33 24.64
N TYR C 246 16.68 -24.39 24.48
CA TYR C 246 15.21 -24.20 24.51
C TYR C 246 14.71 -24.21 25.95
N VAL C 247 14.79 -23.04 26.58
CA VAL C 247 14.39 -22.89 27.99
C VAL C 247 13.20 -21.94 27.99
N THR C 248 12.05 -22.51 28.34
CA THR C 248 10.83 -21.75 28.33
C THR C 248 10.43 -21.07 29.63
N GLU C 249 9.17 -20.67 29.71
CA GLU C 249 8.74 -19.98 30.91
C GLU C 249 8.61 -20.89 32.13
N LYS C 250 8.58 -22.19 31.88
CA LYS C 250 8.36 -23.10 32.99
C LYS C 250 9.24 -22.96 34.24
N ILE C 251 10.56 -22.86 34.04
CA ILE C 251 11.45 -22.81 35.20
C ILE C 251 11.24 -21.45 35.92
N ILE C 252 10.85 -20.42 35.17
CA ILE C 252 10.60 -19.17 35.81
C ILE C 252 9.42 -19.26 36.79
N ASP C 253 8.36 -19.96 36.39
CA ASP C 253 7.21 -20.06 37.29
C ASP C 253 7.66 -20.79 38.57
N ALA C 254 8.55 -21.77 38.46
CA ALA C 254 8.97 -22.47 39.70
C ALA C 254 9.73 -21.48 40.59
N TYR C 255 10.72 -20.76 40.03
CA TYR C 255 11.43 -19.78 40.91
C TYR C 255 10.49 -18.73 41.53
N PHE C 256 9.62 -18.18 40.70
CA PHE C 256 8.66 -17.18 41.17
C PHE C 256 7.78 -17.72 42.30
N SER C 257 7.41 -19.01 42.25
CA SER C 257 6.57 -19.55 43.29
C SER C 257 7.30 -20.11 44.51
N HIS C 258 8.62 -19.88 44.59
CA HIS C 258 9.38 -20.30 45.76
C HIS C 258 9.40 -21.79 45.92
N THR C 259 9.61 -22.52 44.82
CA THR C 259 9.61 -23.95 44.91
C THR C 259 10.78 -24.40 44.07
N ILE C 260 11.31 -25.55 44.39
CA ILE C 260 12.48 -26.02 43.63
C ILE C 260 12.13 -26.65 42.27
N PRO C 261 12.73 -26.14 41.18
CA PRO C 261 12.45 -26.71 39.85
C PRO C 261 13.14 -28.10 39.68
N ILE C 262 12.44 -29.09 39.14
CA ILE C 262 13.07 -30.38 38.78
C ILE C 262 12.94 -30.18 37.25
N TYR C 263 14.07 -29.93 36.61
CA TYR C 263 14.12 -29.53 35.22
C TYR C 263 14.69 -30.46 34.22
N TRP C 264 14.10 -30.43 33.01
CA TRP C 264 14.59 -31.22 31.85
C TRP C 264 14.12 -30.49 30.61
N GLY C 265 14.95 -30.49 29.58
CA GLY C 265 14.56 -29.82 28.34
C GLY C 265 15.87 -29.42 27.65
N SER C 266 16.40 -28.26 27.96
CA SER C 266 17.61 -27.84 27.35
C SER C 266 18.80 -28.46 28.11
N PRO C 267 19.63 -29.24 27.43
CA PRO C 267 20.79 -29.84 28.17
C PRO C 267 21.81 -28.78 28.57
N SER C 268 21.70 -27.60 27.98
CA SER C 268 22.66 -26.49 28.29
C SER C 268 22.05 -25.50 29.28
N VAL C 269 20.98 -25.91 29.95
CA VAL C 269 20.28 -25.03 30.87
C VAL C 269 21.19 -24.39 31.95
N ALA C 270 22.23 -25.10 32.39
CA ALA C 270 23.15 -24.53 33.41
C ALA C 270 23.87 -23.28 32.84
N LYS C 271 23.91 -23.08 31.52
CA LYS C 271 24.48 -21.82 31.04
C LYS C 271 23.54 -20.68 31.40
N ASP C 272 22.22 -20.94 31.37
CA ASP C 272 21.27 -19.86 31.68
C ASP C 272 20.98 -19.65 33.20
N PHE C 273 20.93 -20.73 33.94
CA PHE C 273 20.63 -20.61 35.37
C PHE C 273 21.63 -21.39 36.23
N ASN C 274 21.81 -20.91 37.45
CA ASN C 274 22.73 -21.52 38.38
C ASN C 274 22.31 -22.94 38.72
N PRO C 275 23.07 -23.98 38.32
CA PRO C 275 22.73 -25.36 38.60
C PRO C 275 22.58 -25.74 40.10
N LYS C 276 23.09 -24.91 41.01
CA LYS C 276 22.89 -25.25 42.45
C LYS C 276 21.46 -24.82 42.92
N SER C 277 20.74 -24.07 42.08
CA SER C 277 19.37 -23.60 42.42
C SER C 277 18.20 -24.50 41.90
N PHE C 278 18.53 -25.62 41.27
CA PHE C 278 17.50 -26.54 40.72
C PHE C 278 18.04 -27.93 40.49
N VAL C 279 17.15 -28.88 40.30
CA VAL C 279 17.59 -30.21 40.03
C VAL C 279 17.65 -30.29 38.51
N ASN C 280 18.86 -30.41 37.98
CA ASN C 280 19.05 -30.46 36.56
C ASN C 280 19.07 -31.94 36.19
N VAL C 281 17.95 -32.44 35.67
CA VAL C 281 17.91 -33.84 35.34
C VAL C 281 18.99 -34.26 34.34
N HIS C 282 19.38 -33.33 33.46
CA HIS C 282 20.43 -33.59 32.47
C HIS C 282 21.80 -33.96 33.11
N ASP C 283 22.02 -33.54 34.34
CA ASP C 283 23.29 -33.84 34.99
C ASP C 283 23.41 -35.29 35.50
N PHE C 284 22.39 -36.15 35.29
CA PHE C 284 22.47 -37.55 35.77
C PHE C 284 22.51 -38.61 34.65
N LYS C 285 23.07 -39.81 34.90
CA LYS C 285 23.13 -40.84 33.85
C LYS C 285 21.78 -41.34 33.45
N ASN C 286 20.87 -41.36 34.41
CA ASN C 286 19.53 -41.86 34.15
C ASN C 286 18.56 -41.23 35.08
N PHE C 287 17.28 -41.49 34.86
CA PHE C 287 16.28 -40.86 35.68
C PHE C 287 16.30 -41.31 37.13
N ASP C 288 16.58 -42.59 37.33
CA ASP C 288 16.63 -43.12 38.69
C ASP C 288 17.69 -42.39 39.52
N GLU C 289 18.85 -42.05 38.97
CA GLU C 289 19.80 -41.29 39.81
C GLU C 289 19.23 -39.90 40.11
N ALA C 290 18.50 -39.29 39.16
CA ALA C 290 17.95 -37.96 39.45
C ALA C 290 16.87 -38.07 40.55
N ILE C 291 16.12 -39.13 40.54
CA ILE C 291 15.09 -39.31 41.54
C ILE C 291 15.73 -39.60 42.89
N ASP C 292 16.85 -40.32 42.93
CA ASP C 292 17.48 -40.54 44.23
C ASP C 292 17.96 -39.22 44.79
N TYR C 293 18.37 -38.31 43.90
CA TYR C 293 18.83 -37.01 44.35
C TYR C 293 17.65 -36.17 44.92
N ILE C 294 16.51 -36.25 44.23
CA ILE C 294 15.32 -35.53 44.66
C ILE C 294 14.87 -36.12 46.03
N LYS C 295 14.93 -37.45 46.15
CA LYS C 295 14.56 -38.06 47.42
C LYS C 295 15.51 -37.58 48.55
N TYR C 296 16.79 -37.43 48.22
CA TYR C 296 17.73 -36.94 49.18
C TYR C 296 17.39 -35.51 49.61
N LEU C 297 17.14 -34.62 48.66
CA LEU C 297 16.77 -33.25 48.99
C LEU C 297 15.45 -33.22 49.81
N HIS C 298 14.54 -34.14 49.52
CA HIS C 298 13.25 -34.14 50.18
C HIS C 298 13.35 -34.63 51.63
N THR C 299 14.46 -35.28 51.95
CA THR C 299 14.66 -35.78 53.30
C THR C 299 15.89 -35.18 54.00
N HIS C 300 16.50 -34.13 53.46
CA HIS C 300 17.66 -33.52 54.13
C HIS C 300 17.40 -32.03 54.08
N LYS C 301 16.70 -31.59 55.11
CA LYS C 301 16.28 -30.22 55.14
C LYS C 301 17.31 -29.15 54.84
N ASN C 302 18.56 -29.31 55.30
CA ASN C 302 19.50 -28.25 55.02
C ASN C 302 19.92 -28.24 53.56
N ALA C 303 20.09 -29.43 52.96
CA ALA C 303 20.47 -29.53 51.52
C ALA C 303 19.32 -28.86 50.72
N TYR C 304 18.09 -29.17 51.10
CA TYR C 304 16.89 -28.58 50.47
C TYR C 304 16.84 -27.03 50.53
N LEU C 305 16.99 -26.48 51.75
CA LEU C 305 16.95 -25.03 51.93
C LEU C 305 18.11 -24.38 51.17
N ASP C 306 19.29 -25.01 51.16
CA ASP C 306 20.38 -24.41 50.41
C ASP C 306 20.00 -24.20 48.91
N MET C 307 19.45 -25.23 48.29
CA MET C 307 19.05 -25.12 46.87
C MET C 307 17.97 -24.06 46.72
N LEU C 308 16.94 -24.10 47.56
CA LEU C 308 15.84 -23.12 47.57
C LEU C 308 16.29 -21.66 47.67
N TYR C 309 17.40 -21.46 48.40
CA TYR C 309 17.89 -20.09 48.61
C TYR C 309 19.01 -19.63 47.72
N GLU C 310 19.55 -20.55 46.93
CA GLU C 310 20.60 -20.20 45.98
C GLU C 310 20.07 -19.16 44.96
N ASN C 311 20.94 -18.32 44.44
CA ASN C 311 20.58 -17.36 43.43
C ASN C 311 20.12 -18.16 42.16
N PRO C 312 18.99 -17.78 41.55
CA PRO C 312 18.59 -18.54 40.35
C PRO C 312 19.66 -18.38 39.24
N LEU C 313 20.33 -17.22 39.20
CA LEU C 313 21.35 -16.95 38.17
C LEU C 313 22.75 -17.24 38.58
N ASN C 314 23.58 -17.46 37.54
CA ASN C 314 24.99 -17.64 37.73
C ASN C 314 25.49 -16.23 38.05
N THR C 315 26.64 -16.18 38.73
CA THR C 315 27.24 -14.89 39.07
C THR C 315 28.72 -14.87 38.58
N LEU C 316 29.24 -13.70 38.27
CA LEU C 316 30.63 -13.59 37.88
C LEU C 316 31.11 -12.40 38.71
N ASP C 317 32.15 -12.58 39.52
CA ASP C 317 32.63 -11.52 40.42
C ASP C 317 31.46 -11.17 41.36
N GLY C 318 30.74 -12.18 41.86
CA GLY C 318 29.61 -11.92 42.75
C GLY C 318 28.47 -11.10 42.11
N LYS C 319 28.59 -10.80 40.81
CA LYS C 319 27.52 -10.06 40.08
C LYS C 319 26.67 -11.11 39.26
N ALA C 320 25.37 -11.14 39.50
CA ALA C 320 24.45 -12.04 38.80
C ALA C 320 24.41 -11.62 37.33
N TYR C 321 24.32 -12.58 36.39
CA TYR C 321 24.21 -12.23 34.95
C TYR C 321 23.21 -13.17 34.20
N PHE C 322 22.65 -12.65 33.13
CA PHE C 322 21.84 -13.45 32.23
C PHE C 322 22.89 -13.93 31.24
N TYR C 323 22.81 -15.19 30.82
CA TYR C 323 23.73 -15.72 29.85
C TYR C 323 23.78 -14.83 28.61
N GLN C 324 25.00 -14.53 28.16
CA GLN C 324 25.29 -13.64 27.00
C GLN C 324 24.76 -12.24 27.17
N ASN C 325 24.61 -11.84 28.43
CA ASN C 325 24.07 -10.53 28.78
C ASN C 325 22.79 -10.07 28.01
N LEU C 326 21.81 -10.95 27.99
CA LEU C 326 20.51 -10.58 27.37
C LEU C 326 20.02 -9.35 28.13
N SER C 327 19.48 -8.37 27.43
CA SER C 327 19.01 -7.15 28.08
C SER C 327 18.19 -6.30 27.11
N PHE C 328 17.49 -5.29 27.65
CA PHE C 328 16.72 -4.42 26.77
C PHE C 328 17.65 -3.72 25.79
N LYS C 329 18.84 -3.29 26.23
CA LYS C 329 19.73 -2.60 25.28
C LYS C 329 20.21 -3.55 24.16
N LYS C 330 20.48 -4.83 24.48
CA LYS C 330 20.92 -5.80 23.44
C LYS C 330 19.81 -6.00 22.42
N ILE C 331 18.58 -6.09 22.90
CA ILE C 331 17.45 -6.29 22.00
C ILE C 331 17.17 -5.05 21.15
N LEU C 332 17.24 -3.87 21.75
CA LEU C 332 17.03 -2.62 21.00
C LEU C 332 18.17 -2.44 20.00
N ALA C 333 19.41 -2.75 20.37
CA ALA C 333 20.50 -2.59 19.39
C ALA C 333 20.27 -3.56 18.22
N PHE C 334 19.80 -4.77 18.51
CA PHE C 334 19.57 -5.76 17.43
C PHE C 334 18.52 -5.18 16.49
N PHE C 335 17.42 -4.66 17.04
CA PHE C 335 16.46 -4.07 16.11
C PHE C 335 16.97 -2.78 15.42
N LYS C 336 17.81 -2.00 16.11
CA LYS C 336 18.31 -0.78 15.46
C LYS C 336 19.13 -1.16 14.22
N THR C 337 19.92 -2.21 14.35
CA THR C 337 20.75 -2.70 13.26
C THR C 337 19.85 -3.18 12.11
N ILE C 338 18.80 -3.92 12.45
CA ILE C 338 17.90 -4.44 11.44
C ILE C 338 17.30 -3.30 10.62
N LEU C 339 16.78 -2.31 11.33
CA LEU C 339 16.10 -1.18 10.70
C LEU C 339 17.03 -0.31 9.89
N GLU C 340 18.27 -0.18 10.32
CA GLU C 340 19.21 0.62 9.56
C GLU C 340 19.93 -0.12 8.43
N ASN C 341 19.90 -1.43 8.44
CA ASN C 341 20.58 -2.22 7.43
C ASN C 341 19.66 -2.47 6.24
N ASP C 342 20.07 -2.03 5.05
CA ASP C 342 19.19 -2.23 3.89
C ASP C 342 19.51 -3.47 3.04
N THR C 343 20.42 -4.31 3.49
CA THR C 343 20.76 -5.52 2.72
C THR C 343 19.58 -6.56 2.73
N ILE C 344 19.26 -7.16 1.60
CA ILE C 344 18.23 -8.18 1.59
C ILE C 344 18.98 -9.50 1.69
N TYR C 345 18.73 -10.23 2.74
CA TYR C 345 19.37 -11.53 2.94
C TYR C 345 18.46 -12.63 2.47
N HIS C 346 17.12 -12.46 2.57
CA HIS C 346 16.26 -13.55 2.12
C HIS C 346 16.34 -13.79 0.63
N ASP C 347 16.05 -15.02 0.20
CA ASP C 347 16.06 -15.34 -1.21
C ASP C 347 15.21 -14.26 -1.93
N ASN C 348 15.82 -13.53 -2.87
CA ASN C 348 15.18 -12.40 -3.60
C ASN C 348 15.10 -13.06 -4.97
N PRO C 349 14.11 -13.99 -5.09
CA PRO C 349 13.64 -14.89 -6.14
C PRO C 349 12.91 -14.39 -7.41
N PHE C 350 13.67 -14.11 -8.47
CA PHE C 350 13.06 -13.74 -9.74
C PHE C 350 12.41 -15.07 -10.16
N ILE C 351 11.34 -15.05 -10.96
CA ILE C 351 10.77 -16.35 -11.35
C ILE C 351 11.22 -16.73 -12.75
#